data_7KN4
#
_entry.id   7KN4
#
_cell.length_a   242.106
_cell.length_b   70.234
_cell.length_c   91.889
_cell.angle_alpha   90.000
_cell.angle_beta   108.470
_cell.angle_gamma   90.000
#
_symmetry.space_group_name_H-M   'C 1 2 1'
#
loop_
_entity.id
_entity.type
_entity.pdbx_description
1 polymer 'Spike protein S1'
2 polymer 'S-E6 Fab heavy chain'
3 polymer 'S-E6 Fab light chain'
4 non-polymer 2-acetamido-2-deoxy-beta-D-glucopyranose
#
loop_
_entity_poly.entity_id
_entity_poly.type
_entity_poly.pdbx_seq_one_letter_code
_entity_poly.pdbx_strand_id
1 'polypeptide(L)'
;RVQPTESIVRFPNITNLCPFGEVFNATRFASVYAWNRKRISNCVADYSVLYNSASFSTFKCYGVSPTKLNDLCFTNVYAD
SFVIRGDEVRQIAPGQTGKIADYNYKLPDDFTGCVIAWNSNNLDSKVGGNYNYLYRLFRKSNLKPFERDISTEIYQAGST
PCNGVEGFNCYFPLQSYGFQPTNGVGYQPYRVVVLSFELLHAPATVCGPKKSTNLVKNKCVNFSGHHHHHH
;
A,B
2 'polypeptide(L)'
;QVTLRESGPGLVKPSETLSLTCAVSGGSLSSVNYYWSWIRQHPGKGLEWIGYIYYSGSTNYNPSLKSRVTMSLDTSKNQF
SLKLSSVTAADTAVYYCATPGAIMGALHIWGQGTLVTVSSASTKGPSVFPLAPSSKSTSGGTAALGCLVKDYFPEPVTVS
WNSGALTSGVHTFPAVLQSSGLYSLSSVVTVPSSSLGTQTYICNVNHKPSNTKVDKKVEPKSC
;
H,M
3 'polypeptide(L)'
;QAVLTQPSSASSTPGQRVIISCSGSSSNIGSNTVSWYQQVPGAAPKLLIYFDYRRPSGVPDRFSGTRSGTSASLGISGLQ
SEDEADYYCAAWDDSLSAWVFGRGTKLTVLGQPKAAPSVTLFPPSSEELQANKATLVCLISDFYPGAVTVAWKADSSPVK
AGVETTTPSKQSNNKYAASSYLSLTPEQWKSHRSYSCQVTHEGSTVEKTVAPTECS
;
L,N
#
loop_
_chem_comp.id
_chem_comp.type
_chem_comp.name
_chem_comp.formula
NAG D-saccharide, beta linking 2-acetamido-2-deoxy-beta-D-glucopyranose 'C8 H15 N O6'
#
# COMPACT_ATOMS: atom_id res chain seq x y z
N ASN A 16 -4.22 -56.12 15.70
CA ASN A 16 -4.10 -55.17 16.80
C ASN A 16 -3.62 -53.82 16.29
N LEU A 17 -4.09 -53.46 15.09
CA LEU A 17 -3.77 -52.18 14.48
C LEU A 17 -4.66 -51.07 15.05
N CYS A 18 -4.15 -49.81 14.98
CA CYS A 18 -4.86 -48.69 15.57
C CYS A 18 -5.84 -48.10 14.56
N PRO A 19 -6.97 -47.55 15.03
CA PRO A 19 -8.02 -47.13 14.10
C PRO A 19 -7.67 -45.87 13.32
N PHE A 20 -6.51 -45.89 12.65
CA PHE A 20 -6.09 -44.73 11.87
C PHE A 20 -7.00 -44.51 10.66
N GLY A 21 -7.46 -45.59 10.03
CA GLY A 21 -8.37 -45.46 8.90
C GLY A 21 -9.72 -44.86 9.24
N GLU A 22 -10.20 -45.11 10.46
CA GLU A 22 -11.50 -44.59 10.88
C GLU A 22 -11.47 -43.06 10.96
N VAL A 23 -10.30 -42.48 11.14
CA VAL A 23 -10.13 -41.04 11.23
C VAL A 23 -9.85 -40.45 9.85
N PHE A 24 -8.92 -41.07 9.14
CA PHE A 24 -8.45 -40.52 7.86
C PHE A 24 -9.46 -40.75 6.74
N ASN A 25 -10.07 -41.93 6.67
CA ASN A 25 -10.95 -42.29 5.57
C ASN A 25 -12.42 -42.27 5.95
N ALA A 26 -12.84 -41.28 6.73
CA ALA A 26 -14.22 -41.19 7.11
C ALA A 26 -14.98 -40.41 6.04
N THR A 27 -16.29 -40.64 5.98
CA THR A 27 -17.12 -39.99 4.98
C THR A 27 -17.40 -38.54 5.34
N ARG A 28 -17.84 -38.29 6.58
CA ARG A 28 -18.22 -36.96 6.99
C ARG A 28 -17.24 -36.44 8.04
N PHE A 29 -16.77 -35.22 7.82
CA PHE A 29 -15.87 -34.51 8.71
C PHE A 29 -16.61 -33.45 9.50
N ALA A 30 -16.12 -33.17 10.70
CA ALA A 30 -16.74 -32.17 11.56
C ALA A 30 -16.35 -30.76 11.14
N SER A 31 -17.10 -29.78 11.64
CA SER A 31 -16.76 -28.39 11.40
C SER A 31 -15.68 -27.96 12.38
N VAL A 32 -14.90 -26.95 11.97
CA VAL A 32 -13.70 -26.63 12.73
C VAL A 32 -14.04 -26.09 14.12
N TYR A 33 -15.19 -25.43 14.26
CA TYR A 33 -15.59 -24.93 15.58
C TYR A 33 -15.93 -26.07 16.52
N ALA A 34 -16.45 -27.18 16.00
CA ALA A 34 -16.72 -28.37 16.79
C ALA A 34 -15.87 -29.52 16.29
N TRP A 35 -14.55 -29.34 16.31
CA TRP A 35 -13.65 -30.36 15.78
C TRP A 35 -13.82 -31.67 16.54
N ASN A 36 -13.62 -32.78 15.82
CA ASN A 36 -13.75 -34.11 16.40
C ASN A 36 -12.40 -34.59 16.89
N ARG A 37 -12.40 -35.19 18.07
CA ARG A 37 -11.20 -35.74 18.69
C ARG A 37 -11.44 -37.22 19.00
N LYS A 38 -10.47 -38.05 18.68
CA LYS A 38 -10.54 -39.48 18.98
C LYS A 38 -9.30 -39.91 19.73
N ARG A 39 -9.50 -40.56 20.87
CA ARG A 39 -8.40 -41.07 21.68
C ARG A 39 -8.00 -42.45 21.19
N ILE A 40 -6.69 -42.65 21.00
CA ILE A 40 -6.14 -43.88 20.44
C ILE A 40 -5.23 -44.51 21.49
N SER A 41 -5.54 -45.73 21.90
CA SER A 41 -4.75 -46.41 22.91
C SER A 41 -4.88 -47.92 22.74
N ASN A 42 -3.93 -48.63 23.33
CA ASN A 42 -3.89 -50.09 23.37
C ASN A 42 -4.01 -50.70 21.97
N CYS A 43 -2.95 -50.49 21.19
CA CYS A 43 -2.89 -50.91 19.79
C CYS A 43 -1.53 -50.61 19.21
N VAL A 44 -1.33 -50.92 17.93
CA VAL A 44 -0.05 -50.72 17.25
C VAL A 44 -0.31 -49.96 15.97
N ALA A 45 0.40 -48.84 15.79
CA ALA A 45 0.25 -48.00 14.62
C ALA A 45 1.54 -48.01 13.81
N ASP A 46 1.43 -47.56 12.56
CA ASP A 46 2.58 -47.52 11.65
C ASP A 46 2.56 -46.21 10.88
N TYR A 47 3.21 -45.19 11.47
CA TYR A 47 3.38 -43.91 10.80
C TYR A 47 4.19 -44.06 9.51
N SER A 48 4.85 -45.20 9.33
CA SER A 48 5.53 -45.49 8.07
C SER A 48 4.53 -45.61 6.94
N VAL A 49 3.47 -46.39 7.14
CA VAL A 49 2.45 -46.53 6.10
C VAL A 49 1.67 -45.24 5.92
N LEU A 50 1.27 -44.61 7.03
CA LEU A 50 0.35 -43.49 6.95
C LEU A 50 0.98 -42.30 6.25
N TYR A 51 2.29 -42.07 6.45
CA TYR A 51 2.96 -40.96 5.81
C TYR A 51 3.37 -41.26 4.37
N ASN A 52 3.51 -42.54 4.00
CA ASN A 52 3.92 -42.89 2.65
C ASN A 52 2.67 -43.06 1.77
N SER A 53 2.06 -41.92 1.48
CA SER A 53 0.89 -41.86 0.60
C SER A 53 0.88 -40.47 -0.02
N ALA A 54 0.90 -40.39 -1.36
CA ALA A 54 1.01 -39.12 -2.05
C ALA A 54 -0.29 -38.33 -2.02
N SER A 55 -1.20 -38.69 -1.12
CA SER A 55 -2.52 -38.07 -1.06
C SER A 55 -2.52 -36.73 -0.32
N PHE A 56 -1.45 -36.40 0.40
CA PHE A 56 -1.48 -35.31 1.36
C PHE A 56 -0.85 -34.04 0.79
N SER A 57 -1.53 -32.91 1.00
CA SER A 57 -1.00 -31.61 0.61
C SER A 57 0.10 -31.15 1.56
N THR A 58 -0.14 -31.25 2.88
CA THR A 58 0.83 -30.85 3.88
C THR A 58 0.94 -31.94 4.93
N PHE A 59 2.17 -32.37 5.20
CA PHE A 59 2.49 -33.35 6.25
C PHE A 59 3.65 -32.78 7.06
N LYS A 60 3.32 -31.95 8.05
CA LYS A 60 4.31 -31.31 8.90
C LYS A 60 4.21 -31.92 10.29
N CYS A 61 5.32 -32.46 10.78
CA CYS A 61 5.40 -33.02 12.12
C CYS A 61 6.42 -32.19 12.88
N TYR A 62 5.99 -31.57 13.97
CA TYR A 62 6.82 -30.68 14.75
C TYR A 62 7.44 -31.47 15.90
N GLY A 63 8.75 -31.35 16.06
CA GLY A 63 9.48 -32.16 17.03
C GLY A 63 9.98 -33.45 16.39
N VAL A 64 9.47 -34.59 16.86
CA VAL A 64 9.94 -35.86 16.31
C VAL A 64 9.46 -36.03 14.87
N SER A 65 10.12 -36.94 14.15
CA SER A 65 9.86 -37.21 12.75
C SER A 65 9.14 -38.54 12.59
N PRO A 66 8.45 -38.76 11.46
CA PRO A 66 7.69 -40.01 11.30
C PRO A 66 8.54 -41.27 11.40
N THR A 67 9.78 -41.24 10.89
CA THR A 67 10.65 -42.40 11.03
C THR A 67 10.97 -42.70 12.49
N LYS A 68 11.22 -41.65 13.28
CA LYS A 68 11.46 -41.83 14.71
C LYS A 68 10.21 -42.30 15.43
N LEU A 69 9.04 -41.86 14.99
CA LEU A 69 7.79 -42.18 15.68
C LEU A 69 7.51 -43.68 15.73
N ASN A 70 8.09 -44.47 14.83
CA ASN A 70 7.87 -45.91 14.86
C ASN A 70 8.63 -46.59 15.99
N ASP A 71 9.63 -45.92 16.57
CA ASP A 71 10.41 -46.48 17.68
C ASP A 71 10.03 -45.88 19.02
N LEU A 72 9.14 -44.89 19.05
CA LEU A 72 8.68 -44.26 20.28
C LEU A 72 7.33 -44.85 20.66
N CYS A 73 7.01 -44.77 21.95
CA CYS A 73 5.73 -45.23 22.44
C CYS A 73 5.10 -44.17 23.33
N PHE A 74 3.77 -44.17 23.35
CA PHE A 74 2.99 -43.13 24.01
C PHE A 74 1.78 -43.77 24.66
N THR A 75 1.39 -43.25 25.83
CA THR A 75 0.24 -43.80 26.54
C THR A 75 -1.06 -43.48 25.81
N ASN A 76 -1.13 -42.36 25.12
CA ASN A 76 -2.33 -41.96 24.39
C ASN A 76 -1.94 -41.13 23.18
N VAL A 77 -2.62 -41.39 22.07
CA VAL A 77 -2.47 -40.60 20.85
C VAL A 77 -3.84 -40.03 20.48
N TYR A 78 -3.85 -38.76 20.08
CA TYR A 78 -5.08 -38.05 19.77
C TYR A 78 -5.10 -37.66 18.30
N ALA A 79 -6.24 -37.87 17.65
CA ALA A 79 -6.44 -37.50 16.26
C ALA A 79 -7.59 -36.50 16.18
N ASP A 80 -7.26 -35.25 15.86
CA ASP A 80 -8.25 -34.19 15.74
C ASP A 80 -8.52 -33.94 14.27
N SER A 81 -9.79 -34.03 13.87
CA SER A 81 -10.19 -33.90 12.48
C SER A 81 -11.24 -32.80 12.33
N PHE A 82 -11.13 -32.04 11.24
CA PHE A 82 -12.08 -30.98 10.92
C PHE A 82 -11.83 -30.55 9.47
N VAL A 83 -12.53 -29.51 9.04
CA VAL A 83 -12.44 -29.00 7.68
C VAL A 83 -12.34 -27.48 7.72
N ILE A 84 -11.42 -26.92 6.95
CA ILE A 84 -11.21 -25.48 6.83
C ILE A 84 -10.93 -25.16 5.37
N ARG A 85 -10.60 -23.91 5.09
CA ARG A 85 -10.21 -23.52 3.76
C ARG A 85 -8.72 -23.78 3.55
N GLY A 86 -8.31 -23.75 2.27
CA GLY A 86 -6.93 -24.06 1.95
C GLY A 86 -5.96 -23.06 2.53
N ASP A 87 -6.27 -21.77 2.42
CA ASP A 87 -5.40 -20.70 2.92
C ASP A 87 -5.42 -20.61 4.44
N GLU A 88 -6.20 -21.44 5.13
CA GLU A 88 -6.21 -21.46 6.59
C GLU A 88 -5.41 -22.59 7.19
N VAL A 89 -4.81 -23.46 6.37
CA VAL A 89 -3.96 -24.53 6.88
C VAL A 89 -2.72 -23.96 7.55
N ARG A 90 -2.27 -22.77 7.12
CA ARG A 90 -1.16 -22.10 7.81
C ARG A 90 -1.45 -21.91 9.29
N GLN A 91 -2.72 -21.65 9.63
CA GLN A 91 -3.07 -21.36 11.01
C GLN A 91 -2.98 -22.59 11.90
N ILE A 92 -3.07 -23.78 11.33
CA ILE A 92 -2.91 -25.02 12.09
C ILE A 92 -1.41 -25.26 12.28
N ALA A 93 -0.77 -24.45 13.12
CA ALA A 93 0.66 -24.54 13.34
C ALA A 93 0.99 -23.80 14.63
N PRO A 94 2.09 -24.13 15.28
CA PRO A 94 2.46 -23.42 16.52
C PRO A 94 2.72 -21.94 16.28
N GLY A 95 2.22 -21.12 17.19
CA GLY A 95 2.49 -19.69 17.14
C GLY A 95 1.86 -18.95 15.99
N GLN A 96 0.68 -19.39 15.54
CA GLN A 96 -0.01 -18.77 14.42
C GLN A 96 -1.24 -18.03 14.94
N THR A 97 -1.68 -17.05 14.16
CA THR A 97 -2.86 -16.25 14.49
C THR A 97 -3.82 -16.23 13.31
N GLY A 98 -5.04 -15.79 13.58
CA GLY A 98 -6.10 -15.76 12.58
C GLY A 98 -7.41 -16.28 13.12
N LYS A 99 -8.46 -16.24 12.28
CA LYS A 99 -9.78 -16.65 12.74
C LYS A 99 -9.79 -18.09 13.24
N ILE A 100 -9.17 -18.99 12.49
CA ILE A 100 -9.16 -20.40 12.88
C ILE A 100 -8.30 -20.61 14.12
N ALA A 101 -7.11 -20.02 14.13
CA ALA A 101 -6.18 -20.22 15.25
C ALA A 101 -6.71 -19.56 16.52
N ASP A 102 -7.34 -18.40 16.41
CA ASP A 102 -7.77 -17.68 17.60
C ASP A 102 -9.07 -18.23 18.17
N TYR A 103 -10.04 -18.54 17.30
CA TYR A 103 -11.39 -18.85 17.75
C TYR A 103 -11.82 -20.29 17.52
N ASN A 104 -11.10 -21.06 16.69
CA ASN A 104 -11.58 -22.38 16.27
C ASN A 104 -10.67 -23.51 16.73
N TYR A 105 -9.43 -23.57 16.25
CA TYR A 105 -8.52 -24.64 16.65
C TYR A 105 -7.14 -24.04 16.90
N LYS A 106 -6.64 -24.21 18.12
CA LYS A 106 -5.38 -23.61 18.56
C LYS A 106 -4.38 -24.71 18.92
N LEU A 107 -3.16 -24.57 18.40
CA LEU A 107 -2.00 -25.42 18.67
C LEU A 107 -1.03 -24.73 19.62
N PRO A 108 -0.44 -25.47 20.55
CA PRO A 108 0.53 -24.86 21.47
C PRO A 108 1.83 -24.52 20.76
N ASP A 109 2.62 -23.66 21.40
CA ASP A 109 3.90 -23.26 20.82
C ASP A 109 4.91 -24.39 20.89
N ASP A 110 4.90 -25.18 21.98
CA ASP A 110 5.74 -26.36 22.12
C ASP A 110 5.09 -27.62 21.55
N PHE A 111 4.32 -27.47 20.47
CA PHE A 111 3.56 -28.58 19.91
C PHE A 111 4.47 -29.71 19.44
N THR A 112 4.23 -30.91 19.95
CA THR A 112 4.94 -32.12 19.56
C THR A 112 3.89 -33.02 18.88
N GLY A 113 3.74 -32.85 17.58
CA GLY A 113 2.71 -33.59 16.89
C GLY A 113 2.81 -33.43 15.39
N CYS A 114 1.75 -33.82 14.71
CA CYS A 114 1.71 -33.82 13.25
C CYS A 114 0.43 -33.18 12.74
N VAL A 115 0.58 -32.33 11.72
CA VAL A 115 -0.54 -31.71 11.04
C VAL A 115 -0.59 -32.27 9.62
N ILE A 116 -1.72 -32.88 9.26
CA ILE A 116 -1.92 -33.47 7.94
C ILE A 116 -3.14 -32.84 7.30
N ALA A 117 -3.03 -32.46 6.03
CA ALA A 117 -4.13 -31.85 5.30
C ALA A 117 -4.09 -32.29 3.84
N TRP A 118 -5.27 -32.50 3.27
CA TRP A 118 -5.41 -32.82 1.85
C TRP A 118 -6.67 -32.16 1.31
N ASN A 119 -6.68 -31.92 0.00
CA ASN A 119 -7.79 -31.20 -0.63
C ASN A 119 -9.08 -32.00 -0.52
N SER A 120 -10.20 -31.29 -0.36
CA SER A 120 -11.49 -31.91 -0.12
C SER A 120 -12.57 -31.37 -1.04
N ASN A 121 -12.21 -30.93 -2.24
CA ASN A 121 -13.19 -30.28 -3.11
C ASN A 121 -14.19 -31.30 -3.67
N ASN A 122 -13.72 -32.49 -4.03
CA ASN A 122 -14.62 -33.50 -4.59
C ASN A 122 -15.55 -34.10 -3.55
N LEU A 123 -15.34 -33.81 -2.27
CA LEU A 123 -16.09 -34.44 -1.19
C LEU A 123 -16.96 -33.49 -0.39
N ASP A 124 -16.59 -32.21 -0.29
CA ASP A 124 -17.31 -31.27 0.56
C ASP A 124 -17.85 -30.06 -0.18
N SER A 125 -17.56 -29.92 -1.47
CA SER A 125 -18.06 -28.80 -2.26
C SER A 125 -19.34 -29.21 -2.96
N LYS A 126 -20.40 -28.42 -2.78
CA LYS A 126 -21.66 -28.61 -3.47
C LYS A 126 -21.91 -27.39 -4.34
N VAL A 127 -22.17 -27.61 -5.64
CA VAL A 127 -22.46 -26.50 -6.52
C VAL A 127 -23.72 -25.79 -6.05
N GLY A 128 -23.68 -24.46 -6.05
CA GLY A 128 -24.65 -23.68 -5.34
C GLY A 128 -24.27 -23.38 -3.91
N GLY A 129 -23.09 -23.82 -3.47
CA GLY A 129 -22.63 -23.55 -2.13
C GLY A 129 -22.97 -24.62 -1.13
N ASN A 130 -21.96 -25.18 -0.48
CA ASN A 130 -22.15 -26.10 0.64
C ASN A 130 -21.90 -25.29 1.92
N TYR A 131 -22.98 -24.78 2.50
CA TYR A 131 -22.90 -23.96 3.71
C TYR A 131 -23.15 -24.78 4.97
N ASN A 132 -22.79 -26.07 4.94
CA ASN A 132 -22.90 -26.94 6.11
C ASN A 132 -21.71 -26.84 7.04
N TYR A 133 -20.56 -26.39 6.56
CA TYR A 133 -19.36 -26.29 7.38
C TYR A 133 -19.26 -24.89 7.97
N LEU A 134 -19.13 -24.82 9.29
CA LEU A 134 -19.15 -23.56 10.01
C LEU A 134 -17.81 -23.29 10.67
N TYR A 135 -17.62 -22.03 11.04
CA TYR A 135 -16.46 -21.60 11.81
C TYR A 135 -16.87 -20.49 12.76
N ARG A 136 -16.22 -20.44 13.91
CA ARG A 136 -16.51 -19.39 14.89
C ARG A 136 -15.96 -18.05 14.38
N LEU A 137 -16.84 -17.06 14.25
CA LEU A 137 -16.46 -15.75 13.76
C LEU A 137 -16.17 -14.75 14.87
N PHE A 138 -16.74 -14.96 16.05
CA PHE A 138 -16.57 -14.02 17.17
C PHE A 138 -16.33 -14.79 18.46
N ARG A 139 -15.50 -14.24 19.33
CA ARG A 139 -15.29 -14.79 20.65
C ARG A 139 -14.70 -13.72 21.55
N LYS A 140 -15.07 -13.78 22.84
CA LYS A 140 -14.59 -12.79 23.80
C LYS A 140 -13.10 -12.92 24.07
N SER A 141 -12.52 -14.09 23.80
CA SER A 141 -11.12 -14.35 24.11
C SER A 141 -10.58 -15.34 23.09
N ASN A 142 -9.26 -15.33 22.92
CA ASN A 142 -8.62 -16.32 22.08
C ASN A 142 -8.68 -17.69 22.76
N LEU A 143 -8.70 -18.73 21.94
CA LEU A 143 -8.78 -20.09 22.47
C LEU A 143 -7.46 -20.51 23.10
N LYS A 144 -7.54 -21.21 24.22
CA LYS A 144 -6.39 -21.90 24.75
C LYS A 144 -6.06 -23.09 23.85
N PRO A 145 -4.81 -23.57 23.86
CA PRO A 145 -4.46 -24.71 23.01
C PRO A 145 -5.36 -25.92 23.28
N PHE A 146 -5.88 -26.51 22.21
CA PHE A 146 -6.73 -27.70 22.25
C PHE A 146 -8.06 -27.44 22.97
N GLU A 147 -8.46 -26.18 23.09
CA GLU A 147 -9.77 -25.84 23.61
C GLU A 147 -10.82 -25.92 22.49
N ARG A 148 -12.01 -26.39 22.83
CA ARG A 148 -13.09 -26.53 21.87
C ARG A 148 -14.31 -25.78 22.39
N ASP A 149 -14.75 -24.77 21.65
CA ASP A 149 -15.91 -23.97 21.98
C ASP A 149 -17.00 -24.28 20.99
N ILE A 150 -18.12 -24.83 21.46
CA ILE A 150 -19.26 -25.13 20.60
C ILE A 150 -20.49 -24.35 21.02
N SER A 151 -20.30 -23.22 21.71
CA SER A 151 -21.45 -22.46 22.17
C SER A 151 -22.04 -21.64 21.03
N THR A 152 -23.37 -21.54 21.03
CA THR A 152 -24.12 -20.81 20.02
C THR A 152 -24.63 -19.49 20.57
N GLU A 153 -24.05 -19.02 21.67
CA GLU A 153 -24.52 -17.82 22.34
C GLU A 153 -24.28 -16.59 21.47
N ILE A 154 -25.29 -15.72 21.41
CA ILE A 154 -25.20 -14.50 20.62
C ILE A 154 -24.05 -13.65 21.12
N TYR A 155 -23.16 -13.28 20.21
CA TYR A 155 -22.01 -12.46 20.59
C TYR A 155 -22.47 -11.04 20.88
N GLN A 156 -22.17 -10.53 22.07
CA GLN A 156 -22.57 -9.20 22.49
C GLN A 156 -21.43 -8.23 22.22
N ALA A 157 -21.43 -7.64 21.02
CA ALA A 157 -20.37 -6.71 20.67
C ALA A 157 -20.53 -5.38 21.40
N GLY A 158 -21.75 -4.99 21.74
CA GLY A 158 -22.03 -3.71 22.36
C GLY A 158 -22.42 -3.85 23.82
N SER A 159 -22.75 -2.70 24.41
CA SER A 159 -23.14 -2.65 25.81
C SER A 159 -24.57 -3.17 26.04
N THR A 160 -25.41 -3.14 25.01
CA THR A 160 -26.80 -3.54 25.21
C THR A 160 -26.95 -5.05 25.11
N PRO A 161 -27.70 -5.68 26.02
CA PRO A 161 -27.84 -7.14 25.98
C PRO A 161 -28.57 -7.62 24.73
N CYS A 162 -28.31 -8.88 24.39
CA CYS A 162 -28.85 -9.50 23.19
C CYS A 162 -30.03 -10.43 23.48
N ASN A 163 -30.00 -11.11 24.63
CA ASN A 163 -31.10 -11.97 25.09
C ASN A 163 -31.39 -13.10 24.11
N GLY A 164 -30.37 -13.54 23.38
CA GLY A 164 -30.49 -14.69 22.50
C GLY A 164 -31.11 -14.41 21.15
N VAL A 165 -31.27 -13.14 20.79
CA VAL A 165 -31.86 -12.75 19.51
C VAL A 165 -30.82 -11.97 18.73
N GLU A 166 -30.65 -12.31 17.45
CA GLU A 166 -29.73 -11.59 16.59
C GLU A 166 -30.24 -10.18 16.31
N GLY A 167 -29.31 -9.24 16.25
CA GLY A 167 -29.68 -7.87 15.96
C GLY A 167 -28.44 -6.99 15.89
N PHE A 168 -28.65 -5.70 16.10
CA PHE A 168 -27.53 -4.75 16.03
C PHE A 168 -26.55 -5.00 17.16
N ASN A 169 -25.28 -5.17 16.81
CA ASN A 169 -24.19 -5.46 17.75
C ASN A 169 -24.42 -6.77 18.51
N CYS A 170 -25.30 -7.62 17.99
CA CYS A 170 -25.66 -8.89 18.62
C CYS A 170 -25.72 -9.95 17.53
N TYR A 171 -24.61 -10.67 17.34
CA TYR A 171 -24.44 -11.52 16.17
C TYR A 171 -24.25 -12.98 16.58
N PHE A 172 -24.87 -13.86 15.82
CA PHE A 172 -24.66 -15.29 15.96
C PHE A 172 -23.19 -15.62 15.70
N PRO A 173 -22.51 -16.33 16.60
CA PRO A 173 -21.04 -16.42 16.53
C PRO A 173 -20.51 -17.31 15.41
N LEU A 174 -21.33 -18.16 14.80
CA LEU A 174 -20.87 -19.07 13.76
C LEU A 174 -21.24 -18.57 12.37
N GLN A 175 -20.34 -18.81 11.41
CA GLN A 175 -20.52 -18.34 10.04
C GLN A 175 -20.31 -19.50 9.07
N SER A 176 -21.14 -19.54 8.02
CA SER A 176 -21.07 -20.60 7.03
C SER A 176 -19.85 -20.43 6.12
N TYR A 177 -19.18 -21.56 5.84
CA TYR A 177 -18.20 -21.60 4.76
C TYR A 177 -18.90 -21.65 3.41
N GLY A 178 -18.38 -20.86 2.47
CA GLY A 178 -18.89 -20.84 1.11
C GLY A 178 -18.13 -21.78 0.18
N PHE A 179 -18.52 -23.05 0.15
CA PHE A 179 -17.77 -24.09 -0.56
C PHE A 179 -18.45 -24.40 -1.89
N GLN A 180 -17.89 -23.87 -2.98
CA GLN A 180 -18.37 -24.24 -4.30
C GLN A 180 -17.22 -24.74 -5.17
N PRO A 181 -17.45 -25.78 -5.99
CA PRO A 181 -16.32 -26.41 -6.69
C PRO A 181 -15.68 -25.55 -7.77
N THR A 182 -16.24 -24.39 -8.10
CA THR A 182 -15.69 -23.55 -9.16
C THR A 182 -14.63 -22.59 -8.65
N ASN A 183 -14.56 -22.37 -7.34
CA ASN A 183 -13.64 -21.39 -6.79
C ASN A 183 -12.22 -21.94 -6.79
N GLY A 184 -11.26 -21.06 -6.46
CA GLY A 184 -9.87 -21.42 -6.50
C GLY A 184 -9.49 -22.39 -5.41
N VAL A 185 -8.19 -22.72 -5.39
CA VAL A 185 -7.69 -23.73 -4.46
C VAL A 185 -7.76 -23.23 -3.02
N GLY A 186 -7.36 -21.98 -2.79
CA GLY A 186 -7.37 -21.45 -1.43
C GLY A 186 -8.75 -21.38 -0.82
N TYR A 187 -9.78 -21.24 -1.64
CA TYR A 187 -11.16 -21.19 -1.17
C TYR A 187 -11.83 -22.55 -1.17
N GLN A 188 -11.12 -23.60 -1.57
CA GLN A 188 -11.65 -24.96 -1.56
C GLN A 188 -11.50 -25.60 -0.19
N PRO A 189 -12.35 -26.56 0.15
CA PRO A 189 -12.27 -27.17 1.48
C PRO A 189 -11.07 -28.12 1.57
N TYR A 190 -10.58 -28.25 2.80
CA TYR A 190 -9.44 -29.12 3.09
C TYR A 190 -9.72 -29.88 4.37
N ARG A 191 -9.42 -31.18 4.37
CA ARG A 191 -9.58 -32.00 5.54
C ARG A 191 -8.28 -32.04 6.33
N VAL A 192 -8.38 -31.78 7.63
CA VAL A 192 -7.21 -31.64 8.50
C VAL A 192 -7.26 -32.74 9.54
N VAL A 193 -6.12 -33.39 9.77
CA VAL A 193 -5.96 -34.34 10.86
C VAL A 193 -4.73 -33.92 11.66
N VAL A 194 -4.92 -33.67 12.95
CA VAL A 194 -3.83 -33.25 13.83
C VAL A 194 -3.55 -34.38 14.80
N LEU A 195 -2.35 -34.95 14.72
CA LEU A 195 -1.92 -36.04 15.60
C LEU A 195 -1.09 -35.44 16.73
N SER A 196 -1.49 -35.72 17.97
CA SER A 196 -0.74 -35.31 19.15
C SER A 196 -0.44 -36.53 20.01
N PHE A 197 0.76 -36.57 20.58
CA PHE A 197 1.25 -37.70 21.34
C PHE A 197 1.39 -37.30 22.80
N GLU A 198 0.78 -38.08 23.69
CA GLU A 198 0.68 -37.77 25.10
C GLU A 198 1.48 -38.77 25.92
N LEU A 199 2.27 -38.26 26.86
CA LEU A 199 3.05 -39.08 27.78
C LEU A 199 2.68 -38.67 29.20
N LEU A 200 1.79 -39.43 29.82
CA LEU A 200 1.30 -39.10 31.17
C LEU A 200 1.16 -40.35 32.02
N ALA A 202 1.17 -43.96 33.98
CA ALA A 202 0.57 -44.69 32.88
C ALA A 202 1.62 -45.47 32.09
N PRO A 203 1.20 -46.53 31.41
CA PRO A 203 2.11 -47.21 30.48
C PRO A 203 1.87 -46.77 29.05
N ALA A 204 2.86 -46.98 28.17
CA ALA A 204 2.74 -46.58 26.78
C ALA A 204 2.19 -47.75 25.98
N THR A 205 0.95 -47.63 25.51
CA THR A 205 0.22 -48.73 24.88
C THR A 205 -0.07 -48.47 23.41
N VAL A 206 0.54 -47.43 22.85
CA VAL A 206 0.42 -47.08 21.43
C VAL A 206 1.84 -47.05 20.90
N CYS A 207 2.21 -48.03 20.08
CA CYS A 207 3.58 -48.19 19.67
C CYS A 207 3.67 -48.56 18.20
N GLY A 208 4.84 -48.27 17.62
CA GLY A 208 5.16 -48.70 16.29
C GLY A 208 5.43 -50.19 16.28
N PRO A 209 5.50 -50.78 15.09
CA PRO A 209 5.84 -52.21 15.02
C PRO A 209 7.24 -52.52 15.53
N LYS A 210 8.17 -51.58 15.39
CA LYS A 210 9.54 -51.78 15.85
C LYS A 210 9.62 -51.74 17.37
N ASN B 16 72.14 -34.57 22.10
CA ASN B 16 71.33 -33.88 21.10
C ASN B 16 69.86 -33.81 21.52
N LEU B 17 69.50 -32.79 22.29
CA LEU B 17 68.12 -32.62 22.71
C LEU B 17 67.33 -32.00 21.56
N CYS B 18 65.99 -32.31 21.51
CA CYS B 18 65.46 -31.74 20.27
C CYS B 18 64.91 -30.34 20.47
N PRO B 19 65.03 -29.53 19.40
CA PRO B 19 64.71 -28.10 19.48
C PRO B 19 63.24 -27.72 19.50
N PHE B 20 62.44 -28.24 20.43
CA PHE B 20 61.04 -27.82 20.46
C PHE B 20 60.91 -26.35 20.82
N GLY B 21 61.78 -25.85 21.70
CA GLY B 21 61.76 -24.43 22.01
C GLY B 21 62.08 -23.55 20.83
N GLU B 22 62.85 -24.06 19.86
CA GLU B 22 63.23 -23.25 18.71
C GLU B 22 62.04 -22.86 17.85
N VAL B 23 61.00 -23.71 17.80
CA VAL B 23 59.78 -23.42 17.06
C VAL B 23 58.62 -23.05 17.98
N PHE B 24 58.43 -23.81 19.06
CA PHE B 24 57.25 -23.66 19.90
C PHE B 24 57.25 -22.32 20.63
N ASN B 25 58.39 -21.94 21.18
CA ASN B 25 58.57 -20.70 21.92
C ASN B 25 59.41 -19.74 21.08
N ALA B 26 59.10 -19.65 19.79
CA ALA B 26 59.82 -18.88 18.79
C ALA B 26 59.41 -17.41 18.79
N THR B 27 60.09 -16.61 17.96
CA THR B 27 59.86 -15.17 17.96
C THR B 27 58.50 -14.81 17.37
N ARG B 28 58.26 -15.18 16.11
CA ARG B 28 57.01 -14.89 15.43
C ARG B 28 56.52 -16.14 14.72
N PHE B 29 55.20 -16.36 14.73
CA PHE B 29 54.65 -17.49 13.99
C PHE B 29 54.17 -17.02 12.63
N ALA B 30 54.28 -17.90 11.64
CA ALA B 30 53.91 -17.55 10.27
C ALA B 30 52.40 -17.60 10.11
N SER B 31 51.92 -16.97 9.04
CA SER B 31 50.50 -17.02 8.76
C SER B 31 50.13 -18.34 8.09
N VAL B 32 48.86 -18.72 8.25
CA VAL B 32 48.43 -20.09 7.96
C VAL B 32 48.58 -20.46 6.49
N TYR B 33 48.49 -19.48 5.57
CA TYR B 33 48.64 -19.81 4.16
C TYR B 33 50.07 -20.22 3.84
N ALA B 34 51.05 -19.66 4.54
CA ALA B 34 52.43 -20.08 4.41
C ALA B 34 52.94 -20.66 5.75
N TRP B 35 52.30 -21.73 6.30
CA TRP B 35 52.73 -22.30 7.58
C TRP B 35 54.18 -22.76 7.45
N ASN B 36 54.91 -22.65 8.55
CA ASN B 36 56.31 -23.05 8.60
C ASN B 36 56.44 -24.51 9.03
N ARG B 37 57.32 -25.24 8.36
CA ARG B 37 57.59 -26.65 8.67
C ARG B 37 59.08 -26.85 8.89
N LYS B 38 59.43 -27.56 9.96
CA LYS B 38 60.82 -27.88 10.27
C LYS B 38 60.94 -29.38 10.54
N ARG B 39 61.91 -30.02 9.90
CA ARG B 39 62.13 -31.45 10.09
C ARG B 39 62.95 -31.71 11.35
N ILE B 40 62.50 -32.66 12.15
CA ILE B 40 63.08 -32.97 13.45
C ILE B 40 63.68 -34.38 13.34
N SER B 41 64.99 -34.49 13.53
CA SER B 41 65.60 -35.81 13.36
C SER B 41 66.90 -35.94 14.14
N ASN B 42 67.31 -37.19 14.34
CA ASN B 42 68.57 -37.57 14.96
C ASN B 42 68.75 -36.90 16.32
N CYS B 43 67.94 -37.34 17.29
CA CYS B 43 67.88 -36.68 18.59
C CYS B 43 66.99 -37.41 19.60
N VAL B 44 66.84 -36.81 20.78
CA VAL B 44 66.05 -37.35 21.87
C VAL B 44 65.10 -36.26 22.36
N ALA B 45 63.82 -36.59 22.45
CA ALA B 45 62.77 -35.68 22.85
C ALA B 45 62.17 -36.11 24.18
N ASP B 46 61.38 -35.21 24.78
CA ASP B 46 60.68 -35.50 26.04
C ASP B 46 59.28 -34.90 25.91
N TYR B 47 58.35 -35.67 25.33
CA TYR B 47 56.98 -35.18 25.19
C TYR B 47 56.29 -35.02 26.55
N SER B 48 56.71 -35.77 27.56
CA SER B 48 56.17 -35.61 28.92
C SER B 48 56.66 -34.34 29.61
N LEU B 50 56.31 -31.54 27.76
CA LEU B 50 55.71 -30.71 26.73
C LEU B 50 54.19 -30.66 26.85
N TYR B 51 53.60 -31.78 27.27
CA TYR B 51 52.14 -31.85 27.38
C TYR B 51 51.62 -31.18 28.65
N ASN B 52 52.46 -31.01 29.67
CA ASN B 52 52.07 -30.41 30.93
C ASN B 52 52.32 -28.91 30.89
N SER B 53 51.25 -28.13 30.76
CA SER B 53 51.37 -26.67 30.78
C SER B 53 50.14 -26.01 31.38
N PHE B 56 48.13 -24.09 27.64
CA PHE B 56 47.66 -24.51 26.32
C PHE B 56 46.15 -24.40 26.20
N SER B 57 45.67 -23.84 25.09
CA SER B 57 44.23 -23.76 24.87
C SER B 57 43.66 -25.13 24.53
N THR B 58 44.28 -25.83 23.57
CA THR B 58 43.84 -27.16 23.18
C THR B 58 45.06 -28.05 23.01
N PHE B 59 45.03 -29.21 23.64
CA PHE B 59 46.07 -30.23 23.48
C PHE B 59 45.32 -31.52 23.15
N LYS B 60 45.05 -31.71 21.86
CA LYS B 60 44.29 -32.85 21.36
C LYS B 60 45.27 -33.78 20.65
N CYS B 61 45.30 -35.04 21.08
CA CYS B 61 46.19 -36.03 20.51
C CYS B 61 45.39 -37.15 19.85
N TYR B 62 45.55 -37.26 18.53
CA TYR B 62 44.86 -38.27 17.74
C TYR B 62 45.83 -39.40 17.44
N GLY B 63 45.44 -40.61 17.78
CA GLY B 63 46.26 -41.76 17.47
C GLY B 63 47.36 -42.07 18.45
N VAL B 64 48.60 -42.03 17.98
CA VAL B 64 49.76 -42.35 18.80
C VAL B 64 50.00 -41.26 19.84
N PRO B 66 50.69 -39.72 23.78
CA PRO B 66 50.90 -38.79 24.89
C PRO B 66 52.02 -39.25 25.80
N THR B 67 51.65 -39.82 26.94
CA THR B 67 52.65 -40.40 27.83
C THR B 67 53.35 -41.59 27.17
N LYS B 68 52.60 -42.36 26.39
CA LYS B 68 53.19 -43.49 25.66
C LYS B 68 54.18 -43.01 24.60
N LEU B 69 53.94 -41.83 24.02
CA LEU B 69 54.80 -41.33 22.94
C LEU B 69 56.25 -41.17 23.37
N ASN B 70 56.52 -41.08 24.67
CA ASN B 70 57.89 -40.96 25.14
C ASN B 70 58.67 -42.27 25.01
N ASP B 71 57.98 -43.39 24.81
CA ASP B 71 58.62 -44.69 24.66
C ASP B 71 58.67 -45.16 23.21
N LEU B 72 58.12 -44.39 22.29
CA LEU B 72 58.14 -44.73 20.87
C LEU B 72 59.29 -44.02 20.16
N CYS B 73 59.66 -44.60 19.02
CA CYS B 73 60.73 -44.04 18.21
C CYS B 73 60.27 -43.85 16.77
N PHE B 74 60.80 -42.80 16.14
CA PHE B 74 60.29 -42.35 14.85
C PHE B 74 61.45 -41.91 13.97
N THR B 75 61.33 -42.18 12.68
CA THR B 75 62.40 -41.80 11.76
C THR B 75 62.46 -40.29 11.56
N ASN B 76 61.31 -39.61 11.57
CA ASN B 76 61.27 -38.16 11.41
C ASN B 76 60.01 -37.65 12.08
N VAL B 77 60.15 -36.51 12.76
CA VAL B 77 59.02 -35.82 13.38
C VAL B 77 58.95 -34.42 12.76
N TYR B 78 57.74 -33.95 12.50
CA TYR B 78 57.53 -32.66 11.85
C TYR B 78 56.78 -31.72 12.78
N ALA B 79 57.22 -30.46 12.82
CA ALA B 79 56.58 -29.42 13.63
C ALA B 79 56.10 -28.32 12.70
N ASP B 80 54.79 -28.21 12.54
CA ASP B 80 54.16 -27.20 11.70
C ASP B 80 53.55 -26.11 12.57
N SER B 81 53.93 -24.86 12.32
CA SER B 81 53.49 -23.73 13.12
C SER B 81 52.80 -22.68 12.25
N PHE B 82 51.74 -22.09 12.79
CA PHE B 82 50.99 -21.03 12.13
C PHE B 82 50.10 -20.36 13.17
N VAL B 83 49.28 -19.41 12.72
CA VAL B 83 48.39 -18.65 13.59
C VAL B 83 47.02 -18.50 12.92
N ILE B 84 45.96 -18.72 13.71
CA ILE B 84 44.58 -18.52 13.27
C ILE B 84 43.79 -17.92 14.43
N ARG B 85 42.49 -17.72 14.23
CA ARG B 85 41.62 -17.26 15.30
C ARG B 85 41.07 -18.44 16.11
N GLY B 86 40.43 -18.12 17.23
CA GLY B 86 40.03 -19.16 18.17
C GLY B 86 39.01 -20.14 17.63
N ASP B 87 37.96 -19.64 16.98
CA ASP B 87 36.95 -20.57 16.47
C ASP B 87 37.43 -21.37 15.26
N GLU B 88 38.65 -21.14 14.77
CA GLU B 88 39.19 -21.93 13.69
C GLU B 88 40.12 -23.03 14.19
N VAL B 89 40.36 -23.08 15.51
CA VAL B 89 41.13 -24.19 16.06
C VAL B 89 40.37 -25.50 15.88
N ARG B 90 39.03 -25.42 15.84
CA ARG B 90 38.22 -26.59 15.52
C ARG B 90 38.58 -27.18 14.17
N GLN B 91 38.95 -26.33 13.20
CA GLN B 91 39.20 -26.81 11.85
C GLN B 91 40.49 -27.61 11.76
N ILE B 92 41.45 -27.36 12.65
CA ILE B 92 42.68 -28.14 12.66
C ILE B 92 42.42 -29.46 13.37
N ALA B 93 41.69 -30.35 12.69
CA ALA B 93 41.30 -31.64 13.24
C ALA B 93 40.89 -32.53 12.07
N PRO B 94 40.98 -33.85 12.22
CA PRO B 94 40.58 -34.74 11.13
C PRO B 94 39.11 -34.58 10.78
N GLY B 95 38.81 -34.59 9.48
CA GLY B 95 37.44 -34.54 9.01
C GLY B 95 36.73 -33.22 9.24
N GLN B 96 37.45 -32.11 9.15
CA GLN B 96 36.88 -30.78 9.35
C GLN B 96 36.80 -30.03 8.03
N THR B 97 35.90 -29.05 7.99
CA THR B 97 35.72 -28.19 6.83
C THR B 97 35.75 -26.73 7.28
N GLY B 98 35.89 -25.84 6.30
CA GLY B 98 36.00 -24.41 6.52
C GLY B 98 37.12 -23.81 5.71
N LYS B 99 37.23 -22.48 5.83
CA LYS B 99 38.23 -21.76 5.05
C LYS B 99 39.64 -22.26 5.34
N ILE B 100 39.96 -22.47 6.62
CA ILE B 100 41.31 -22.88 7.00
C ILE B 100 41.58 -24.32 6.54
N ALA B 101 40.62 -25.22 6.77
CA ALA B 101 40.83 -26.62 6.43
C ALA B 101 40.88 -26.83 4.93
N ASP B 102 40.08 -26.08 4.18
CA ASP B 102 40.00 -26.30 2.74
C ASP B 102 41.15 -25.62 1.99
N TYR B 103 41.49 -24.38 2.36
CA TYR B 103 42.40 -23.57 1.56
C TYR B 103 43.74 -23.28 2.21
N ASN B 104 43.90 -23.50 3.51
CA ASN B 104 45.10 -23.04 4.22
C ASN B 104 45.91 -24.19 4.80
N TYR B 105 45.37 -24.94 5.78
CA TYR B 105 46.06 -26.05 6.45
C TYR B 105 45.10 -27.21 6.53
N LYS B 106 45.45 -28.35 5.96
CA LYS B 106 44.57 -29.51 5.92
C LYS B 106 45.21 -30.67 6.67
N LEU B 107 44.45 -31.29 7.56
CA LEU B 107 44.85 -32.50 8.27
C LEU B 107 44.15 -33.71 7.67
N PRO B 108 44.84 -34.84 7.54
CA PRO B 108 44.20 -36.03 6.95
C PRO B 108 43.18 -36.62 7.90
N ASP B 109 42.30 -37.45 7.34
CA ASP B 109 41.28 -38.09 8.14
C ASP B 109 41.87 -39.16 9.06
N ASP B 110 42.88 -39.88 8.58
CA ASP B 110 43.60 -40.84 9.41
C ASP B 110 44.76 -40.21 10.18
N PHE B 111 44.63 -38.93 10.54
CA PHE B 111 45.73 -38.23 11.17
C PHE B 111 46.05 -38.87 12.52
N THR B 112 47.29 -39.31 12.68
CA THR B 112 47.76 -39.87 13.93
C THR B 112 48.84 -38.92 14.47
N GLY B 113 48.37 -37.88 15.15
CA GLY B 113 49.24 -36.85 15.67
C GLY B 113 48.48 -35.93 16.60
N CYS B 114 49.11 -34.81 16.96
CA CYS B 114 48.56 -33.90 17.94
C CYS B 114 48.69 -32.44 17.52
N VAL B 115 47.62 -31.67 17.71
CA VAL B 115 47.61 -30.24 17.44
C VAL B 115 47.55 -29.52 18.78
N ILE B 116 48.50 -28.61 18.99
CA ILE B 116 48.60 -27.84 20.22
C ILE B 116 48.42 -26.37 19.86
N ALA B 117 47.64 -25.66 20.67
CA ALA B 117 47.34 -24.26 20.42
C ALA B 117 47.31 -23.48 21.72
N TRP B 118 47.78 -22.24 21.65
CA TRP B 118 47.74 -21.32 22.78
C TRP B 118 47.44 -19.92 22.28
N ASN B 119 46.84 -19.11 23.16
CA ASN B 119 46.44 -17.77 22.75
C ASN B 119 47.67 -16.91 22.49
N SER B 120 47.55 -16.03 21.49
CA SER B 120 48.65 -15.17 21.09
C SER B 120 48.21 -13.71 20.99
N ASN B 122 47.97 -10.93 22.49
CA ASN B 122 49.00 -10.23 23.24
C ASN B 122 50.22 -9.95 22.36
N LEU B 123 50.72 -10.97 21.68
CA LEU B 123 51.87 -10.81 20.81
C LEU B 123 51.49 -10.38 19.40
N ASP B 124 50.30 -10.78 18.93
CA ASP B 124 49.89 -10.49 17.56
C ASP B 124 48.53 -9.80 17.47
N SER B 125 47.83 -9.59 18.58
CA SER B 125 46.51 -8.99 18.55
C SER B 125 46.56 -7.47 18.68
N TYR B 131 47.85 -6.34 10.81
CA TYR B 131 47.33 -6.98 9.60
C TYR B 131 48.45 -7.66 8.81
N ASN B 132 49.46 -8.14 9.53
CA ASN B 132 50.54 -8.89 8.91
C ASN B 132 50.20 -10.36 8.67
N TYR B 133 49.21 -10.88 9.39
CA TYR B 133 48.80 -12.27 9.24
C TYR B 133 47.65 -12.36 8.23
N LEU B 134 47.84 -13.16 7.20
CA LEU B 134 46.89 -13.31 6.11
C LEU B 134 46.41 -14.76 6.05
N TYR B 135 45.32 -14.97 5.31
CA TYR B 135 44.82 -16.32 5.05
C TYR B 135 44.27 -16.39 3.63
N ARG B 136 44.38 -17.57 3.03
CA ARG B 136 43.87 -17.78 1.69
C ARG B 136 42.35 -17.81 1.71
N LEU B 137 41.72 -16.89 0.98
CA LEU B 137 40.27 -16.77 0.94
C LEU B 137 39.65 -17.48 -0.26
N PHE B 138 40.41 -17.69 -1.33
CA PHE B 138 39.90 -18.31 -2.54
C PHE B 138 40.89 -19.34 -3.06
N ARG B 139 40.36 -20.43 -3.61
CA ARG B 139 41.19 -21.44 -4.27
C ARG B 139 40.29 -22.26 -5.18
N LYS B 140 40.86 -22.72 -6.30
CA LYS B 140 40.09 -23.49 -7.27
C LYS B 140 39.73 -24.87 -6.75
N SER B 141 40.48 -25.39 -5.78
CA SER B 141 40.25 -26.73 -5.26
C SER B 141 40.70 -26.77 -3.81
N ASN B 142 40.15 -27.74 -3.07
CA ASN B 142 40.57 -27.93 -1.69
C ASN B 142 41.99 -28.46 -1.63
N LEU B 143 42.68 -28.12 -0.54
CA LEU B 143 44.05 -28.54 -0.35
C LEU B 143 44.12 -30.02 0.02
N LYS B 144 45.13 -30.71 -0.53
CA LYS B 144 45.46 -32.04 -0.06
C LYS B 144 46.10 -31.94 1.33
N PRO B 145 46.04 -33.01 2.12
CA PRO B 145 46.65 -32.96 3.46
C PRO B 145 48.13 -32.60 3.40
N PHE B 146 48.50 -31.62 4.21
CA PHE B 146 49.88 -31.13 4.34
C PHE B 146 50.42 -30.49 3.06
N GLU B 147 49.56 -30.17 2.10
CA GLU B 147 49.94 -29.31 0.99
C GLU B 147 49.66 -27.87 1.39
N ARG B 148 50.55 -26.95 1.02
CA ARG B 148 50.37 -25.53 1.29
C ARG B 148 50.65 -24.72 0.03
N ASP B 149 49.70 -23.90 -0.30
CA ASP B 149 49.69 -23.03 -1.47
C ASP B 149 50.01 -21.62 -1.01
N ILE B 150 51.09 -21.06 -1.55
CA ILE B 150 51.48 -19.68 -1.25
C ILE B 150 51.40 -18.87 -2.53
N SER B 151 50.51 -19.27 -3.44
CA SER B 151 50.40 -18.58 -4.73
C SER B 151 49.71 -17.23 -4.59
N THR B 152 50.22 -16.25 -5.35
CA THR B 152 49.73 -14.88 -5.32
C THR B 152 48.92 -14.52 -6.56
N GLU B 153 48.54 -15.50 -7.38
CA GLU B 153 47.83 -15.22 -8.61
C GLU B 153 46.41 -14.77 -8.33
N ILE B 154 45.95 -13.78 -9.08
CA ILE B 154 44.60 -13.26 -8.92
C ILE B 154 43.60 -14.38 -9.17
N TYR B 155 42.69 -14.57 -8.23
CA TYR B 155 41.69 -15.62 -8.35
C TYR B 155 40.67 -15.26 -9.42
N GLN B 156 40.48 -16.17 -10.39
CA GLN B 156 39.56 -15.94 -11.50
C GLN B 156 38.23 -16.55 -11.12
N ALA B 157 37.39 -15.75 -10.46
CA ALA B 157 36.08 -16.22 -10.02
C ALA B 157 35.09 -16.30 -11.17
N GLY B 158 35.23 -15.45 -12.19
CA GLY B 158 34.29 -15.38 -13.28
C GLY B 158 34.84 -15.98 -14.56
N SER B 159 34.00 -15.90 -15.60
CA SER B 159 34.36 -16.49 -16.90
C SER B 159 35.35 -15.62 -17.66
N THR B 160 35.39 -14.32 -17.40
CA THR B 160 36.31 -13.51 -18.18
C THR B 160 37.70 -13.52 -17.54
N PRO B 161 38.76 -13.62 -18.34
CA PRO B 161 40.11 -13.70 -17.78
C PRO B 161 40.46 -12.44 -17.01
N CYS B 162 41.41 -12.58 -16.08
CA CYS B 162 41.80 -11.50 -15.19
C CYS B 162 43.10 -10.81 -15.60
N ASN B 163 44.06 -11.56 -16.14
CA ASN B 163 45.31 -11.01 -16.65
C ASN B 163 46.09 -10.27 -15.55
N GLY B 164 45.94 -10.69 -14.30
CA GLY B 164 46.75 -10.17 -13.21
C GLY B 164 46.30 -8.86 -12.61
N VAL B 165 45.07 -8.41 -12.87
CA VAL B 165 44.57 -7.14 -12.36
C VAL B 165 43.40 -7.41 -11.44
N GLU B 166 43.41 -6.77 -10.27
CA GLU B 166 42.29 -6.90 -9.33
C GLU B 166 41.07 -6.17 -9.89
N GLY B 167 39.90 -6.79 -9.73
CA GLY B 167 38.69 -6.20 -10.22
C GLY B 167 37.45 -7.05 -10.00
N PHE B 168 36.45 -6.85 -10.84
CA PHE B 168 35.20 -7.61 -10.75
C PHE B 168 35.48 -9.08 -11.06
N ASN B 169 35.10 -9.96 -10.14
CA ASN B 169 35.30 -11.41 -10.24
C ASN B 169 36.79 -11.79 -10.33
N CYS B 170 37.68 -10.88 -9.97
CA CYS B 170 39.12 -11.13 -10.03
C CYS B 170 39.74 -10.56 -8.75
N TYR B 171 39.93 -11.42 -7.76
CA TYR B 171 40.28 -11.00 -6.41
C TYR B 171 41.61 -11.59 -5.99
N PHE B 172 42.41 -10.79 -5.28
CA PHE B 172 43.63 -11.27 -4.66
C PHE B 172 43.27 -12.39 -3.68
N PRO B 173 43.90 -13.57 -3.78
CA PRO B 173 43.39 -14.74 -3.06
C PRO B 173 43.62 -14.72 -1.56
N LEU B 174 44.49 -13.84 -1.07
CA LEU B 174 44.80 -13.78 0.36
C LEU B 174 44.06 -12.61 1.00
N GLN B 175 43.61 -12.80 2.23
CA GLN B 175 42.82 -11.82 2.95
C GLN B 175 43.42 -11.57 4.32
N SER B 176 43.36 -10.33 4.76
CA SER B 176 43.92 -9.95 6.06
C SER B 176 43.11 -10.54 7.21
N TYR B 177 43.82 -11.04 8.20
CA TYR B 177 43.19 -11.31 9.49
C TYR B 177 42.95 -9.98 10.20
N GLY B 178 41.77 -9.85 10.80
CA GLY B 178 41.48 -8.64 11.53
C GLY B 178 41.89 -8.78 12.97
N PHE B 179 43.18 -8.58 13.24
CA PHE B 179 43.74 -8.83 14.56
C PHE B 179 43.89 -7.48 15.27
N GLN B 180 42.92 -7.19 16.13
CA GLN B 180 42.92 -6.04 17.01
C GLN B 180 42.70 -6.50 18.45
N PRO B 181 43.37 -5.88 19.42
CA PRO B 181 43.37 -6.44 20.79
C PRO B 181 42.03 -6.35 21.51
N THR B 182 41.03 -5.67 20.95
CA THR B 182 39.77 -5.46 21.64
C THR B 182 38.73 -6.56 21.41
N ASN B 183 38.93 -7.42 20.41
CA ASN B 183 37.89 -8.37 20.04
C ASN B 183 37.77 -9.49 21.07
N GLY B 184 36.74 -10.31 20.88
CA GLY B 184 36.42 -11.39 21.79
C GLY B 184 37.37 -12.56 21.68
N VAL B 185 37.04 -13.63 22.40
CA VAL B 185 37.92 -14.79 22.49
C VAL B 185 38.02 -15.50 21.14
N GLY B 186 36.87 -15.72 20.49
CA GLY B 186 36.87 -16.40 19.21
C GLY B 186 37.58 -15.61 18.13
N TYR B 187 37.58 -14.29 18.23
CA TYR B 187 38.21 -13.41 17.25
C TYR B 187 39.65 -13.05 17.62
N GLN B 188 40.18 -13.57 18.75
CA GLN B 188 41.55 -13.35 19.16
C GLN B 188 42.47 -14.37 18.48
N PRO B 189 43.73 -14.02 18.26
CA PRO B 189 44.65 -14.94 17.58
C PRO B 189 45.12 -16.08 18.47
N TYR B 190 45.47 -17.19 17.82
CA TYR B 190 45.98 -18.37 18.49
C TYR B 190 47.15 -18.93 17.69
N ARG B 191 48.22 -19.31 18.39
CA ARG B 191 49.38 -19.93 17.75
C ARG B 191 49.25 -21.45 17.83
N VAL B 192 49.45 -22.12 16.70
CA VAL B 192 49.20 -23.56 16.56
C VAL B 192 50.50 -24.28 16.24
N VAL B 193 50.70 -25.42 16.90
CA VAL B 193 51.80 -26.34 16.60
C VAL B 193 51.20 -27.71 16.30
N VAL B 194 51.57 -28.27 15.14
CA VAL B 194 51.02 -29.54 14.66
C VAL B 194 52.11 -30.59 14.71
N LEU B 195 51.85 -31.67 15.45
CA LEU B 195 52.79 -32.78 15.59
C LEU B 195 52.50 -33.85 14.55
N SER B 196 53.50 -34.19 13.74
CA SER B 196 53.40 -35.30 12.80
C SER B 196 54.57 -36.24 13.01
N PHE B 197 54.28 -37.55 13.04
CA PHE B 197 55.28 -38.57 13.29
C PHE B 197 55.38 -39.46 12.05
N GLU B 198 56.60 -39.60 11.51
CA GLU B 198 56.81 -40.30 10.26
C GLU B 198 57.66 -41.55 10.49
N LEU B 199 57.19 -42.68 9.96
CA LEU B 199 57.90 -43.95 10.00
C LEU B 199 57.99 -44.49 8.58
N LEU B 200 59.15 -44.34 7.95
CA LEU B 200 59.28 -44.73 6.55
C LEU B 200 60.58 -45.46 6.25
N HIS B 201 61.67 -45.07 6.88
CA HIS B 201 62.96 -45.71 6.61
C HIS B 201 63.90 -45.59 7.81
N PRO B 203 66.62 -46.02 10.27
CA PRO B 203 66.33 -46.13 11.71
C PRO B 203 65.47 -44.98 12.25
N ALA B 204 64.86 -45.21 13.40
CA ALA B 204 63.99 -44.24 14.06
C ALA B 204 64.84 -43.43 15.03
N THR B 205 65.01 -42.12 14.75
CA THR B 205 66.01 -41.32 15.45
C THR B 205 65.48 -40.15 16.30
N VAL B 206 64.18 -40.02 16.53
CA VAL B 206 63.64 -38.94 17.38
C VAL B 206 62.72 -39.53 18.43
N CYS B 207 63.22 -39.68 19.67
CA CYS B 207 62.46 -40.35 20.73
C CYS B 207 62.85 -39.89 22.14
N GLY B 208 61.95 -40.17 23.09
CA GLY B 208 62.20 -40.00 24.51
C GLY B 208 63.17 -41.00 25.11
N GLN C 1 -32.57 2.37 18.85
CA GLN C 1 -31.12 2.49 18.92
C GLN C 1 -30.67 3.93 18.70
N VAL C 2 -29.42 4.11 18.30
CA VAL C 2 -28.83 5.43 18.17
C VAL C 2 -29.26 6.07 16.85
N THR C 3 -29.32 7.40 16.85
CA THR C 3 -29.78 8.19 15.71
C THR C 3 -28.69 9.19 15.30
N LEU C 4 -28.48 9.31 13.99
CA LEU C 4 -27.49 10.22 13.43
C LEU C 4 -28.17 11.28 12.57
N ARG C 5 -27.74 12.54 12.74
CA ARG C 5 -28.25 13.65 11.94
C ARG C 5 -27.11 14.58 11.56
N GLU C 6 -26.87 14.71 10.26
CA GLU C 6 -25.84 15.61 9.75
C GLU C 6 -26.33 17.05 9.71
N SER C 7 -25.37 17.97 9.70
CA SER C 7 -25.62 19.41 9.65
C SER C 7 -24.43 20.04 8.96
N GLY C 8 -24.67 20.79 7.90
CA GLY C 8 -23.62 21.20 7.01
C GLY C 8 -23.83 22.57 6.40
N PRO C 9 -22.75 23.20 5.92
CA PRO C 9 -22.89 24.55 5.36
C PRO C 9 -23.68 24.57 4.06
N GLY C 10 -23.53 23.57 3.21
CA GLY C 10 -24.19 23.53 1.91
C GLY C 10 -23.41 24.12 0.76
N LEU C 11 -22.69 25.22 1.01
CA LEU C 11 -21.88 25.88 -0.01
C LEU C 11 -20.50 26.16 0.57
N VAL C 12 -19.46 25.66 -0.12
CA VAL C 12 -18.07 25.87 0.29
C VAL C 12 -17.27 26.31 -0.93
N LYS C 13 -16.53 27.39 -0.78
CA LYS C 13 -15.69 27.89 -1.87
C LYS C 13 -14.53 26.93 -2.14
N PRO C 14 -14.11 26.82 -3.41
CA PRO C 14 -12.97 25.93 -3.72
C PRO C 14 -11.71 26.36 -3.00
N SER C 15 -10.87 25.37 -2.70
CA SER C 15 -9.59 25.46 -1.99
C SER C 15 -9.76 25.70 -0.49
N GLU C 16 -10.98 25.84 0.01
CA GLU C 16 -11.22 26.04 1.43
C GLU C 16 -11.58 24.72 2.09
N THR C 17 -11.87 24.77 3.40
CA THR C 17 -12.09 23.58 4.20
C THR C 17 -13.58 23.34 4.39
N LEU C 18 -14.04 22.17 3.97
CA LEU C 18 -15.41 21.74 4.16
C LEU C 18 -15.53 21.05 5.52
N SER C 19 -16.45 21.54 6.36
CA SER C 19 -16.64 21.03 7.70
C SER C 19 -18.09 20.59 7.91
N LEU C 20 -18.28 19.41 8.50
CA LEU C 20 -19.60 18.91 8.84
C LEU C 20 -19.57 18.30 10.23
N THR C 21 -20.74 18.23 10.85
CA THR C 21 -20.91 17.64 12.17
C THR C 21 -22.10 16.69 12.13
N CYS C 22 -21.91 15.49 12.65
CA CYS C 22 -22.97 14.50 12.80
C CYS C 22 -23.33 14.39 14.28
N ALA C 23 -24.56 14.73 14.62
CA ALA C 23 -25.02 14.72 16.00
C ALA C 23 -25.56 13.34 16.35
N VAL C 24 -25.05 12.78 17.44
CA VAL C 24 -25.41 11.43 17.89
C VAL C 24 -26.50 11.54 18.93
N SER C 25 -27.57 10.76 18.77
CA SER C 25 -28.69 10.79 19.71
C SER C 25 -28.90 9.43 20.35
N LEU C 29 -25.69 8.97 24.96
CA LEU C 29 -24.30 9.35 25.17
C LEU C 29 -23.44 8.97 23.97
N SER C 30 -22.22 9.49 23.93
CA SER C 30 -21.30 9.27 22.81
C SER C 30 -19.98 8.70 23.28
N SER C 31 -19.97 8.10 24.46
CA SER C 31 -18.82 7.32 24.93
C SER C 31 -19.07 5.82 24.74
N VAL C 32 -19.49 5.44 23.53
CA VAL C 32 -19.85 4.06 23.24
C VAL C 32 -18.73 3.47 22.38
N ASN C 33 -18.74 2.15 22.23
CA ASN C 33 -17.65 1.47 21.54
C ASN C 33 -17.90 1.33 20.04
N TYR C 34 -18.44 2.37 19.41
CA TYR C 34 -18.83 2.32 18.01
C TYR C 34 -17.73 2.87 17.11
N TYR C 35 -17.78 2.46 15.84
CA TYR C 35 -17.04 3.13 14.78
C TYR C 35 -17.95 4.20 14.18
N TRP C 36 -17.42 5.41 14.03
CA TRP C 36 -18.18 6.51 13.47
C TRP C 36 -17.58 6.86 12.11
N SER C 37 -18.37 6.68 11.05
CA SER C 37 -17.88 6.77 9.69
C SER C 37 -18.53 7.94 8.96
N TRP C 38 -17.99 8.24 7.79
CA TRP C 38 -18.52 9.25 6.89
C TRP C 38 -18.56 8.68 5.48
N ILE C 39 -19.72 8.82 4.83
CA ILE C 39 -19.89 8.37 3.45
C ILE C 39 -20.33 9.57 2.62
N ARG C 40 -19.89 9.59 1.37
CA ARG C 40 -20.30 10.64 0.45
C ARG C 40 -20.70 10.01 -0.88
N GLN C 41 -21.50 10.75 -1.64
CA GLN C 41 -22.03 10.27 -2.91
C GLN C 41 -22.10 11.46 -3.87
N HIS C 42 -21.25 11.45 -4.89
CA HIS C 42 -21.31 12.49 -5.90
C HIS C 42 -22.66 12.42 -6.62
N PRO C 43 -23.23 13.57 -7.01
CA PRO C 43 -24.56 13.56 -7.65
C PRO C 43 -24.64 12.60 -8.83
N GLY C 44 -25.58 11.65 -8.76
CA GLY C 44 -25.73 10.66 -9.80
C GLY C 44 -24.57 9.69 -9.90
N LYS C 45 -23.93 9.36 -8.79
CA LYS C 45 -22.80 8.44 -8.78
C LYS C 45 -22.95 7.48 -7.61
N GLY C 46 -21.93 6.64 -7.42
CA GLY C 46 -21.96 5.62 -6.39
C GLY C 46 -21.48 6.12 -5.04
N LEU C 47 -21.50 5.22 -4.07
CA LEU C 47 -21.09 5.54 -2.72
C LEU C 47 -19.57 5.46 -2.58
N GLU C 48 -18.99 6.46 -1.91
CA GLU C 48 -17.56 6.54 -1.69
C GLU C 48 -17.31 6.64 -0.19
N TRP C 49 -16.65 5.64 0.37
CA TRP C 49 -16.31 5.65 1.79
C TRP C 49 -15.19 6.64 2.04
N ILE C 50 -15.38 7.52 3.03
CA ILE C 50 -14.37 8.51 3.36
C ILE C 50 -13.44 8.02 4.45
N GLY C 51 -14.00 7.49 5.53
CA GLY C 51 -13.19 6.99 6.63
C GLY C 51 -14.03 6.82 7.87
N TYR C 52 -13.37 6.38 8.93
CA TYR C 52 -14.01 6.24 10.23
C TYR C 52 -13.09 6.79 11.31
N ILE C 53 -13.66 6.96 12.49
CA ILE C 53 -12.90 7.28 13.70
C ILE C 53 -13.42 6.38 14.82
N TYR C 54 -12.50 5.74 15.54
CA TYR C 54 -12.88 4.85 16.63
C TYR C 54 -13.07 5.66 17.90
N TYR C 55 -13.82 5.09 18.84
CA TYR C 55 -14.03 5.78 20.12
C TYR C 55 -12.73 5.84 20.91
N SER C 56 -11.82 4.90 20.66
CA SER C 56 -10.45 4.94 21.10
C SER C 56 -9.64 6.06 20.44
N GLY C 57 -10.22 6.81 19.51
CA GLY C 57 -9.47 7.79 18.77
C GLY C 57 -8.74 7.25 17.56
N SER C 58 -8.70 5.93 17.38
CA SER C 58 -8.04 5.35 16.22
C SER C 58 -8.74 5.81 14.94
N THR C 59 -7.95 5.96 13.89
CA THR C 59 -8.40 6.65 12.69
C THR C 59 -7.97 5.89 11.44
N ASN C 60 -8.89 5.78 10.49
CA ASN C 60 -8.62 5.13 9.21
C ASN C 60 -9.36 5.88 8.12
N TYR C 61 -8.62 6.37 7.13
CA TYR C 61 -9.18 7.20 6.07
C TYR C 61 -9.04 6.50 4.72
N ASN C 62 -9.87 6.93 3.78
CA ASN C 62 -9.75 6.46 2.40
C ASN C 62 -8.38 6.84 1.86
N PRO C 63 -7.65 5.91 1.24
CA PRO C 63 -6.34 6.27 0.66
C PRO C 63 -6.42 7.42 -0.32
N SER C 64 -7.54 7.56 -1.03
CA SER C 64 -7.69 8.66 -1.98
C SER C 64 -7.72 10.02 -1.28
N LEU C 65 -8.30 10.08 -0.08
CA LEU C 65 -8.55 11.36 0.60
C LEU C 65 -7.76 11.53 1.89
N LYS C 66 -6.84 10.62 2.22
CA LYS C 66 -6.25 10.62 3.57
C LYS C 66 -5.55 11.94 3.89
N SER C 67 -4.86 12.53 2.92
CA SER C 67 -4.11 13.76 3.18
C SER C 67 -5.03 14.93 3.50
N ARG C 68 -6.27 14.89 3.01
CA ARG C 68 -7.19 16.02 3.14
C ARG C 68 -8.26 15.80 4.20
N VAL C 69 -8.37 14.60 4.75
CA VAL C 69 -9.46 14.25 5.67
C VAL C 69 -8.95 14.37 7.10
N THR C 70 -9.78 14.96 7.97
CA THR C 70 -9.56 14.89 9.40
C THR C 70 -10.91 14.70 10.09
N MET C 71 -11.00 13.69 10.95
CA MET C 71 -12.20 13.41 11.71
C MET C 71 -11.88 13.44 13.20
N SER C 72 -12.84 13.89 13.99
CA SER C 72 -12.65 14.09 15.41
C SER C 72 -13.89 13.64 16.17
N LEU C 73 -13.73 13.48 17.47
CA LEU C 73 -14.83 13.14 18.38
C LEU C 73 -14.99 14.25 19.41
N ASP C 74 -16.23 14.46 19.83
CA ASP C 74 -16.52 15.47 20.85
C ASP C 74 -17.58 14.91 21.79
N THR C 75 -17.14 14.50 22.98
CA THR C 75 -18.06 14.01 24.00
C THR C 75 -19.02 15.10 24.46
N SER C 76 -18.55 16.35 24.46
CA SER C 76 -19.38 17.46 24.94
C SER C 76 -20.67 17.60 24.14
N LYS C 77 -20.57 17.89 22.86
CA LYS C 77 -21.76 18.09 22.04
C LYS C 77 -22.39 16.77 21.56
N ASN C 78 -21.85 15.63 21.96
CA ASN C 78 -22.36 14.31 21.54
C ASN C 78 -22.35 14.18 20.02
N GLN C 79 -21.23 14.58 19.41
CA GLN C 79 -21.14 14.63 17.96
C GLN C 79 -19.71 14.32 17.52
N PHE C 80 -19.58 13.77 16.32
CA PHE C 80 -18.30 13.60 15.66
C PHE C 80 -18.31 14.38 14.36
N SER C 81 -17.13 14.84 13.94
CA SER C 81 -17.02 15.82 12.88
C SER C 81 -16.13 15.31 11.76
N LEU C 82 -16.28 15.92 10.59
CA LEU C 82 -15.46 15.67 9.43
C LEU C 82 -14.94 16.99 8.88
N LYS C 83 -13.67 17.02 8.52
CA LYS C 83 -13.04 18.19 7.92
C LYS C 83 -12.30 17.74 6.66
N LEU C 84 -12.54 18.43 5.55
CA LEU C 84 -11.95 18.10 4.26
C LEU C 84 -11.35 19.35 3.66
N SER C 85 -10.02 19.37 3.54
CA SER C 85 -9.30 20.55 3.09
C SER C 85 -9.04 20.50 1.59
N SER C 86 -8.53 21.63 1.08
CA SER C 86 -8.29 21.85 -0.35
C SER C 86 -9.42 21.27 -1.20
N VAL C 87 -10.62 21.77 -0.94
CA VAL C 87 -11.84 21.29 -1.58
C VAL C 87 -11.92 21.81 -3.01
N THR C 88 -12.27 20.94 -3.95
CA THR C 88 -12.53 21.30 -5.34
C THR C 88 -13.94 20.86 -5.71
N ALA C 89 -14.28 21.06 -7.00
CA ALA C 89 -15.62 20.75 -7.48
C ALA C 89 -15.91 19.26 -7.53
N ALA C 90 -14.91 18.40 -7.37
CA ALA C 90 -15.13 16.97 -7.26
C ALA C 90 -15.65 16.57 -5.89
N ASP C 91 -15.59 17.46 -4.91
CA ASP C 91 -16.08 17.18 -3.57
C ASP C 91 -17.55 17.55 -3.39
N THR C 92 -18.22 18.00 -4.46
CA THR C 92 -19.66 18.19 -4.42
C THR C 92 -20.34 16.84 -4.30
N ALA C 93 -21.07 16.62 -3.21
CA ALA C 93 -21.66 15.33 -2.93
C ALA C 93 -22.65 15.47 -1.78
N VAL C 94 -23.44 14.42 -1.58
CA VAL C 94 -24.25 14.26 -0.38
C VAL C 94 -23.42 13.45 0.60
N TYR C 95 -23.20 14.01 1.80
CA TYR C 95 -22.33 13.39 2.79
C TYR C 95 -23.19 12.73 3.87
N TYR C 96 -22.98 11.43 4.08
CA TYR C 96 -23.72 10.66 5.07
C TYR C 96 -22.80 10.32 6.24
N CYS C 97 -23.28 10.55 7.47
CA CYS C 97 -22.66 9.96 8.65
C CYS C 97 -23.35 8.64 8.96
N ALA C 98 -22.58 7.58 9.11
CA ALA C 98 -23.09 6.24 9.41
C ALA C 98 -22.27 5.64 10.54
N THR C 99 -22.68 4.44 10.98
CA THR C 99 -21.95 3.70 12.00
C THR C 99 -22.21 2.22 11.84
N PRO C 100 -21.18 1.38 11.89
CA PRO C 100 -21.38 -0.08 11.92
C PRO C 100 -21.55 -0.65 13.31
N GLY C 101 -21.46 0.17 14.35
CA GLY C 101 -21.52 -0.31 15.72
C GLY C 101 -20.17 -0.70 16.26
N ALA C 102 -20.15 -1.72 17.12
CA ALA C 102 -18.89 -2.12 17.76
C ALA C 102 -18.00 -2.95 16.86
N ILE C 103 -18.53 -3.49 15.77
CA ILE C 103 -17.77 -4.33 14.83
C ILE C 103 -17.67 -3.59 13.51
N MET C 104 -16.46 -3.48 12.99
CA MET C 104 -16.23 -2.77 11.74
C MET C 104 -16.67 -3.67 10.59
N GLY C 105 -17.94 -3.54 10.22
CA GLY C 105 -18.49 -4.30 9.10
C GLY C 105 -19.55 -3.51 8.36
N ALA C 106 -20.75 -4.06 8.28
CA ALA C 106 -21.84 -3.37 7.60
C ALA C 106 -22.32 -2.17 8.40
N LEU C 107 -22.71 -1.12 7.70
CA LEU C 107 -23.22 0.11 8.32
C LEU C 107 -24.71 -0.05 8.55
N HIS C 108 -25.11 -0.17 9.82
CA HIS C 108 -26.50 -0.41 10.18
C HIS C 108 -27.32 0.87 10.26
N ILE C 109 -26.76 1.93 10.83
CA ILE C 109 -27.48 3.17 11.07
C ILE C 109 -26.87 4.27 10.21
N TRP C 110 -27.72 5.00 9.49
CA TRP C 110 -27.29 6.08 8.61
C TRP C 110 -27.91 7.39 9.08
N GLY C 111 -27.34 8.49 8.58
CA GLY C 111 -27.94 9.80 8.74
C GLY C 111 -28.85 10.13 7.57
N GLN C 112 -29.52 11.28 7.69
CA GLN C 112 -30.37 11.74 6.60
C GLN C 112 -29.55 12.18 5.38
N GLY C 113 -28.34 12.67 5.61
CA GLY C 113 -27.51 13.17 4.53
C GLY C 113 -27.61 14.67 4.35
N THR C 114 -26.49 15.31 4.03
CA THR C 114 -26.45 16.74 3.74
C THR C 114 -25.73 16.97 2.42
N LEU C 115 -26.28 17.85 1.60
CA LEU C 115 -25.70 18.20 0.32
C LEU C 115 -24.69 19.32 0.48
N VAL C 116 -23.49 19.12 -0.04
CA VAL C 116 -22.44 20.13 -0.05
C VAL C 116 -22.11 20.46 -1.50
N THR C 117 -22.27 21.73 -1.86
CA THR C 117 -21.97 22.21 -3.20
C THR C 117 -20.69 23.02 -3.16
N VAL C 118 -19.78 22.75 -4.10
CA VAL C 118 -18.50 23.44 -4.17
C VAL C 118 -18.54 24.33 -5.41
N SER C 119 -18.58 25.64 -5.20
CA SER C 119 -18.63 26.57 -6.31
C SER C 119 -18.14 27.94 -5.86
N SER C 120 -17.59 28.69 -6.81
CA SER C 120 -17.22 30.08 -6.57
C SER C 120 -18.42 31.01 -6.55
N ALA C 121 -19.58 30.54 -7.02
CA ALA C 121 -20.78 31.37 -7.08
C ALA C 121 -21.28 31.72 -5.69
N SER C 122 -22.02 32.82 -5.62
CA SER C 122 -22.60 33.31 -4.38
C SER C 122 -23.94 32.66 -4.10
N THR C 123 -24.28 32.56 -2.81
CA THR C 123 -25.62 32.16 -2.41
C THR C 123 -26.67 33.06 -3.07
N LYS C 124 -27.78 32.47 -3.49
CA LYS C 124 -28.90 33.24 -4.02
C LYS C 124 -30.20 32.71 -3.44
N GLY C 125 -31.02 33.62 -2.92
CA GLY C 125 -32.34 33.28 -2.42
C GLY C 125 -33.31 33.06 -3.56
N PRO C 126 -34.37 32.28 -3.30
CA PRO C 126 -35.32 31.95 -4.36
C PRO C 126 -36.46 32.96 -4.49
N SER C 127 -36.97 33.06 -5.71
CA SER C 127 -38.18 33.82 -6.00
C SER C 127 -39.35 32.86 -6.10
N VAL C 128 -40.36 33.07 -5.25
CA VAL C 128 -41.52 32.18 -5.21
C VAL C 128 -42.69 32.90 -5.86
N PHE C 129 -43.26 32.27 -6.89
CA PHE C 129 -44.45 32.78 -7.56
C PHE C 129 -45.56 31.74 -7.51
N PRO C 130 -46.82 32.18 -7.48
CA PRO C 130 -47.93 31.22 -7.45
C PRO C 130 -48.28 30.72 -8.84
N LEU C 131 -48.66 29.45 -8.91
CA LEU C 131 -49.22 28.86 -10.13
C LEU C 131 -50.71 28.66 -9.86
N ALA C 132 -51.49 29.70 -10.14
CA ALA C 132 -52.89 29.72 -9.77
C ALA C 132 -53.70 28.76 -10.65
N PRO C 133 -54.75 28.14 -10.08
CA PRO C 133 -55.61 27.27 -10.89
C PRO C 133 -56.47 28.09 -11.83
N SER C 134 -56.88 27.46 -12.93
CA SER C 134 -57.58 28.13 -14.01
C SER C 134 -58.78 27.30 -14.45
N SER C 135 -59.65 27.92 -15.24
CA SER C 135 -60.62 27.18 -16.05
C SER C 135 -59.82 26.40 -17.09
N LYS C 136 -59.61 25.11 -16.83
CA LYS C 136 -58.76 24.26 -17.66
C LYS C 136 -57.33 24.79 -17.67
N THR C 138 -58.63 23.01 -12.98
CA THR C 138 -59.89 22.40 -13.37
C THR C 138 -59.67 21.25 -14.35
N SER C 139 -59.84 20.03 -13.87
CA SER C 139 -59.75 18.85 -14.73
C SER C 139 -60.70 17.77 -14.21
N GLY C 140 -61.99 18.09 -14.15
CA GLY C 140 -62.99 17.12 -13.79
C GLY C 140 -63.29 17.08 -12.30
N GLY C 141 -63.38 18.25 -11.67
CA GLY C 141 -63.48 18.31 -10.23
C GLY C 141 -62.13 18.33 -9.55
N THR C 142 -61.09 18.00 -10.29
CA THR C 142 -59.71 18.00 -9.83
C THR C 142 -59.05 19.29 -10.26
N ALA C 143 -58.40 19.98 -9.31
CA ALA C 143 -57.72 21.24 -9.59
C ALA C 143 -56.24 21.12 -9.22
N ALA C 144 -55.39 21.67 -10.07
CA ALA C 144 -53.95 21.69 -9.85
C ALA C 144 -53.53 23.13 -9.57
N LEU C 145 -52.95 23.36 -8.39
CA LEU C 145 -52.35 24.64 -8.05
C LEU C 145 -50.96 24.40 -7.50
N GLY C 146 -50.08 25.37 -7.72
CA GLY C 146 -48.70 25.15 -7.33
C GLY C 146 -47.89 26.37 -6.97
N CYS C 147 -46.58 26.16 -6.81
CA CYS C 147 -45.63 27.20 -6.49
C CYS C 147 -44.41 27.05 -7.37
N LEU C 148 -43.93 28.18 -7.90
CA LEU C 148 -42.73 28.22 -8.73
C LEU C 148 -41.60 28.80 -7.90
N VAL C 149 -40.60 27.97 -7.60
CA VAL C 149 -39.44 28.38 -6.81
C VAL C 149 -38.31 28.62 -7.79
N LYS C 150 -38.02 29.90 -8.05
CA LYS C 150 -37.21 30.31 -9.20
C LYS C 150 -35.89 30.90 -8.74
N ASP C 151 -34.83 30.55 -9.48
CA ASP C 151 -33.52 31.21 -9.39
C ASP C 151 -32.98 31.23 -7.97
N TYR C 152 -32.52 30.06 -7.53
CA TYR C 152 -31.87 29.91 -6.23
C TYR C 152 -30.56 29.16 -6.42
N PHE C 153 -29.67 29.31 -5.43
CA PHE C 153 -28.40 28.59 -5.44
C PHE C 153 -27.87 28.53 -4.02
N PRO C 154 -27.35 27.38 -3.58
CA PRO C 154 -27.39 26.13 -4.35
C PRO C 154 -28.58 25.27 -3.95
N GLU C 155 -28.53 23.99 -4.31
CA GLU C 155 -29.54 23.05 -3.85
C GLU C 155 -29.31 22.75 -2.36
N PRO C 156 -30.36 22.33 -1.64
CA PRO C 156 -31.72 22.03 -2.10
C PRO C 156 -32.79 23.00 -1.61
N VAL C 157 -33.99 22.83 -2.16
CA VAL C 157 -35.20 23.51 -1.69
C VAL C 157 -36.19 22.45 -1.24
N THR C 158 -36.77 22.65 -0.06
CA THR C 158 -37.84 21.80 0.43
C THR C 158 -39.13 22.60 0.45
N VAL C 159 -40.21 21.99 -0.06
CA VAL C 159 -41.51 22.65 -0.17
C VAL C 159 -42.53 21.82 0.58
N SER C 160 -43.32 22.49 1.43
CA SER C 160 -44.48 21.89 2.07
C SER C 160 -45.67 22.79 1.84
N TRP C 161 -46.87 22.26 2.08
CA TRP C 161 -48.11 22.97 1.82
C TRP C 161 -48.93 23.06 3.09
N ASN C 162 -49.34 24.28 3.45
CA ASN C 162 -50.15 24.54 4.64
C ASN C 162 -49.47 24.01 5.91
N SER C 163 -48.17 24.28 6.04
CA SER C 163 -47.38 23.91 7.21
C SER C 163 -47.43 22.41 7.46
N GLY C 164 -47.39 21.62 6.39
CA GLY C 164 -47.42 20.18 6.50
C GLY C 164 -48.79 19.58 6.72
N ALA C 165 -49.83 20.40 6.90
CA ALA C 165 -51.17 19.85 7.09
C ALA C 165 -51.70 19.23 5.82
N LEU C 166 -51.37 19.81 4.66
CA LEU C 166 -51.82 19.31 3.37
C LEU C 166 -50.68 18.49 2.76
N THR C 167 -50.80 17.17 2.83
CA THR C 167 -49.80 16.26 2.28
C THR C 167 -50.30 15.44 1.11
N SER C 168 -51.60 15.12 1.07
CA SER C 168 -52.12 14.25 0.01
C SER C 168 -52.12 14.99 -1.33
N GLY C 169 -51.58 14.34 -2.35
CA GLY C 169 -51.59 14.89 -3.69
C GLY C 169 -50.62 16.03 -3.95
N VAL C 170 -49.54 16.14 -3.18
CA VAL C 170 -48.52 17.14 -3.43
C VAL C 170 -47.33 16.45 -4.10
N HIS C 171 -46.77 17.10 -5.12
CA HIS C 171 -45.63 16.56 -5.84
C HIS C 171 -44.63 17.68 -6.06
N THR C 172 -43.49 17.59 -5.38
CA THR C 172 -42.42 18.56 -5.53
C THR C 172 -41.44 18.03 -6.57
N PHE C 173 -41.36 18.71 -7.70
CA PHE C 173 -40.58 18.24 -8.83
C PHE C 173 -39.10 18.52 -8.62
N PRO C 174 -38.23 17.68 -9.17
CA PRO C 174 -36.79 17.96 -9.11
C PRO C 174 -36.45 19.24 -9.86
N ALA C 175 -35.40 19.90 -9.39
CA ALA C 175 -35.00 21.19 -9.96
C ALA C 175 -34.24 21.01 -11.27
N VAL C 176 -34.35 22.03 -12.13
CA VAL C 176 -33.52 22.15 -13.33
C VAL C 176 -32.39 23.11 -13.02
N LEU C 177 -31.23 22.85 -13.61
CA LEU C 177 -30.10 23.77 -13.54
C LEU C 177 -30.04 24.53 -14.86
N GLN C 178 -30.22 25.85 -14.79
CA GLN C 178 -30.24 26.70 -15.96
C GLN C 178 -28.83 27.06 -16.40
N SER C 179 -28.73 27.62 -17.60
CA SER C 179 -27.45 28.14 -18.06
C SER C 179 -26.97 29.30 -17.21
N SER C 180 -27.88 30.00 -16.52
CA SER C 180 -27.51 30.95 -15.49
C SER C 180 -26.55 30.35 -14.48
N GLY C 181 -26.69 29.05 -14.19
CA GLY C 181 -26.07 28.44 -13.03
C GLY C 181 -26.99 28.38 -11.82
N LEU C 182 -28.23 28.83 -11.97
CA LEU C 182 -29.23 28.83 -10.91
C LEU C 182 -30.18 27.65 -11.08
N TYR C 183 -30.89 27.33 -10.01
CA TYR C 183 -31.85 26.24 -10.01
C TYR C 183 -33.28 26.80 -9.94
N SER C 184 -34.21 26.06 -10.52
CA SER C 184 -35.63 26.39 -10.45
C SER C 184 -36.43 25.13 -10.20
N LEU C 185 -37.53 25.28 -9.46
CA LEU C 185 -38.28 24.15 -8.93
C LEU C 185 -39.77 24.48 -8.99
N SER C 186 -40.60 23.44 -9.05
CA SER C 186 -42.04 23.60 -9.01
C SER C 186 -42.64 22.54 -8.09
N SER C 187 -43.72 22.93 -7.42
CA SER C 187 -44.43 22.06 -6.50
C SER C 187 -45.93 22.21 -6.75
N VAL C 188 -46.58 21.13 -7.19
CA VAL C 188 -48.00 21.15 -7.49
C VAL C 188 -48.73 20.29 -6.47
N VAL C 189 -49.92 20.71 -6.09
CA VAL C 189 -50.80 19.96 -5.21
C VAL C 189 -52.13 19.76 -5.91
N THR C 190 -52.66 18.55 -5.80
CA THR C 190 -53.99 18.26 -6.35
C THR C 190 -55.02 18.37 -5.24
N VAL C 191 -56.00 19.25 -5.43
CA VAL C 191 -57.07 19.49 -4.46
C VAL C 191 -58.40 19.57 -5.22
N PRO C 192 -59.52 19.40 -4.50
CA PRO C 192 -60.83 19.48 -5.17
C PRO C 192 -61.11 20.87 -5.72
N SER C 193 -61.60 20.90 -6.97
CA SER C 193 -61.94 22.17 -7.62
C SER C 193 -63.01 22.93 -6.85
N SER C 194 -63.97 22.21 -6.27
CA SER C 194 -64.85 22.76 -5.24
C SER C 194 -64.12 23.74 -4.31
N SER C 195 -63.03 23.28 -3.71
CA SER C 195 -62.39 23.98 -2.58
C SER C 195 -61.61 25.22 -3.01
N LEU C 196 -61.60 25.59 -4.28
CA LEU C 196 -60.72 26.66 -4.75
C LEU C 196 -61.07 28.01 -4.13
N GLY C 197 -62.35 28.27 -3.86
CA GLY C 197 -62.74 29.55 -3.32
C GLY C 197 -62.74 29.65 -1.81
N THR C 198 -62.97 28.52 -1.14
CA THR C 198 -63.14 28.51 0.31
C THR C 198 -61.80 28.44 1.03
N GLN C 199 -60.97 27.47 0.69
CA GLN C 199 -59.78 27.15 1.47
C GLN C 199 -58.57 27.96 1.01
N THR C 200 -57.73 28.32 1.97
CA THR C 200 -56.48 29.01 1.70
C THR C 200 -55.35 27.99 1.56
N TYR C 201 -54.55 28.15 0.50
CA TYR C 201 -53.45 27.25 0.20
C TYR C 201 -52.15 28.04 0.26
N ILE C 202 -51.23 27.60 1.11
CA ILE C 202 -49.97 28.30 1.36
C ILE C 202 -48.84 27.30 1.19
N CYS C 203 -47.91 27.59 0.28
CA CYS C 203 -46.75 26.75 0.10
C CYS C 203 -45.59 27.31 0.92
N ASN C 204 -44.90 26.43 1.63
CA ASN C 204 -43.80 26.79 2.52
C ASN C 204 -42.50 26.39 1.85
N VAL C 205 -41.73 27.38 1.40
CA VAL C 205 -40.48 27.16 0.69
C VAL C 205 -39.34 27.42 1.67
N ASN C 206 -38.47 26.44 1.85
CA ASN C 206 -37.33 26.55 2.75
C ASN C 206 -36.05 26.39 1.95
N HIS C 207 -35.18 27.40 2.02
CA HIS C 207 -33.86 27.37 1.40
C HIS C 207 -32.84 27.55 2.53
N LYS C 208 -32.39 26.44 3.10
CA LYS C 208 -31.43 26.51 4.20
C LYS C 208 -30.09 27.12 3.80
N PRO C 209 -29.52 26.85 2.63
CA PRO C 209 -28.24 27.49 2.28
C PRO C 209 -28.28 29.01 2.27
N SER C 210 -29.48 29.61 2.20
CA SER C 210 -29.61 31.06 2.23
C SER C 210 -30.37 31.56 3.46
N ASN C 211 -30.69 30.66 4.40
CA ASN C 211 -31.44 31.02 5.61
C ASN C 211 -32.74 31.74 5.28
N THR C 212 -33.38 31.29 4.21
CA THR C 212 -34.62 31.90 3.71
C THR C 212 -35.78 30.94 3.84
N LYS C 213 -36.92 31.46 4.27
CA LYS C 213 -38.16 30.71 4.33
C LYS C 213 -39.28 31.59 3.79
N VAL C 214 -39.96 31.13 2.74
CA VAL C 214 -41.00 31.90 2.07
C VAL C 214 -42.32 31.14 2.18
N ASP C 215 -43.35 31.85 2.64
CA ASP C 215 -44.72 31.32 2.71
C ASP C 215 -45.57 32.11 1.73
N LYS C 216 -45.81 31.52 0.56
CA LYS C 216 -46.53 32.20 -0.51
C LYS C 216 -47.99 31.74 -0.53
N LYS C 217 -48.90 32.72 -0.70
CA LYS C 217 -50.32 32.44 -0.80
C LYS C 217 -50.70 32.28 -2.26
N VAL C 218 -51.36 31.17 -2.59
CA VAL C 218 -51.81 30.89 -3.94
C VAL C 218 -53.31 31.14 -4.01
N GLU C 219 -53.70 32.13 -4.81
CA GLU C 219 -55.10 32.50 -4.95
C GLU C 219 -55.59 32.21 -6.37
N PRO C 220 -56.86 31.85 -6.53
CA PRO C 220 -57.42 31.66 -7.87
C PRO C 220 -57.52 32.98 -8.61
N LYS C 221 -57.48 32.90 -9.94
CA LYS C 221 -57.52 34.10 -10.76
C LYS C 221 -58.95 34.59 -10.94
N ALA D 2 -14.45 0.90 -4.84
CA ALA D 2 -13.85 1.21 -6.13
C ALA D 2 -13.40 -0.05 -6.85
N VAL D 3 -12.91 -1.02 -6.09
CA VAL D 3 -12.33 -2.23 -6.66
C VAL D 3 -13.34 -3.37 -6.78
N LEU D 4 -14.55 -3.19 -6.29
CA LEU D 4 -15.59 -4.22 -6.41
C LEU D 4 -16.38 -4.00 -7.69
N THR D 5 -16.59 -5.08 -8.45
CA THR D 5 -17.21 -5.02 -9.77
C THR D 5 -18.67 -5.45 -9.67
N GLN D 6 -19.56 -4.59 -10.15
CA GLN D 6 -21.00 -4.83 -10.17
C GLN D 6 -21.53 -4.57 -11.57
N PRO D 7 -22.53 -5.34 -12.03
CA PRO D 7 -23.18 -4.98 -13.30
C PRO D 7 -23.90 -3.65 -13.17
N SER D 8 -23.82 -2.85 -14.25
CA SER D 8 -24.44 -1.54 -14.24
C SER D 8 -25.95 -1.64 -14.06
N SER D 9 -26.59 -2.60 -14.74
CA SER D 9 -28.04 -2.66 -14.85
C SER D 9 -28.51 -4.08 -14.54
N ALA D 10 -29.74 -4.18 -14.03
CA ALA D 10 -30.44 -5.45 -13.92
C ALA D 10 -31.92 -5.23 -14.22
N SER D 11 -32.57 -6.30 -14.67
CA SER D 11 -33.95 -6.18 -15.14
C SER D 11 -34.73 -7.45 -14.83
N SER D 12 -36.02 -7.28 -14.56
CA SER D 12 -36.94 -8.39 -14.34
C SER D 12 -38.36 -7.84 -14.41
N THR D 13 -39.33 -8.73 -14.22
CA THR D 13 -40.75 -8.44 -14.28
C THR D 13 -41.38 -8.70 -12.92
N PRO D 14 -42.51 -8.06 -12.61
CA PRO D 14 -43.10 -8.21 -11.26
C PRO D 14 -43.35 -9.67 -10.90
N GLY D 15 -43.20 -9.96 -9.61
CA GLY D 15 -43.39 -11.30 -9.11
C GLY D 15 -42.21 -12.25 -9.32
N GLN D 16 -41.25 -11.88 -10.16
CA GLN D 16 -40.15 -12.78 -10.50
C GLN D 16 -38.97 -12.55 -9.54
N ARG D 17 -37.84 -13.17 -9.86
CA ARG D 17 -36.64 -13.10 -9.04
C ARG D 17 -35.47 -12.60 -9.88
N VAL D 18 -34.56 -11.87 -9.25
CA VAL D 18 -33.36 -11.37 -9.91
C VAL D 18 -32.17 -11.62 -8.99
N ILE D 19 -30.99 -11.71 -9.60
CA ILE D 19 -29.74 -11.98 -8.88
C ILE D 19 -28.71 -10.95 -9.31
N ILE D 20 -28.23 -10.16 -8.36
CA ILE D 20 -27.20 -9.15 -8.61
C ILE D 20 -25.88 -9.67 -8.05
N SER D 21 -24.87 -9.76 -8.89
CA SER D 21 -23.59 -10.34 -8.53
C SER D 21 -22.56 -9.25 -8.25
N CYS D 22 -21.54 -9.60 -7.47
CA CYS D 22 -20.49 -8.68 -7.08
C CYS D 22 -19.17 -9.43 -7.05
N SER D 23 -18.24 -9.01 -7.90
CA SER D 23 -16.95 -9.68 -8.06
C SER D 23 -15.82 -8.82 -7.50
N GLY D 24 -14.92 -9.45 -6.77
CA GLY D 24 -13.78 -8.75 -6.18
C GLY D 24 -12.54 -9.60 -6.15
N SER D 25 -11.70 -9.37 -5.14
CA SER D 25 -10.37 -9.96 -5.02
C SER D 25 -10.29 -10.81 -3.76
N SER D 26 -9.18 -11.54 -3.65
CA SER D 26 -8.80 -12.16 -2.37
C SER D 26 -8.75 -11.14 -1.24
N SER D 27 -8.38 -9.90 -1.55
CA SER D 27 -8.15 -8.92 -0.50
C SER D 27 -9.46 -8.44 0.13
N ASN D 28 -10.56 -8.49 -0.61
CA ASN D 28 -11.83 -8.01 -0.10
C ASN D 28 -12.79 -9.20 0.04
N ILE D 29 -13.56 -9.53 -0.99
CA ILE D 29 -14.57 -10.59 -0.90
C ILE D 29 -13.96 -11.92 -0.52
N GLY D 30 -12.73 -12.19 -0.97
CA GLY D 30 -12.12 -13.49 -0.73
C GLY D 30 -11.91 -13.78 0.75
N SER D 31 -11.51 -12.77 1.52
CA SER D 31 -11.20 -12.95 2.93
C SER D 31 -12.09 -12.15 3.86
N ASN D 32 -12.98 -11.33 3.34
CA ASN D 32 -13.82 -10.47 4.17
C ASN D 32 -15.29 -10.62 3.78
N THR D 33 -16.13 -10.18 4.70
CA THR D 33 -17.57 -10.30 4.59
C THR D 33 -18.15 -9.25 3.66
N VAL D 34 -19.20 -9.63 2.91
CA VAL D 34 -19.86 -8.75 1.96
C VAL D 34 -21.23 -8.35 2.52
N SER D 35 -21.57 -7.07 2.40
CA SER D 35 -22.87 -6.56 2.79
C SER D 35 -23.51 -5.83 1.61
N TRP D 36 -24.84 -5.79 1.60
CA TRP D 36 -25.62 -5.24 0.49
C TRP D 36 -26.50 -4.10 0.96
N TYR D 37 -26.60 -3.05 0.15
CA TYR D 37 -27.36 -1.86 0.49
C TYR D 37 -28.31 -1.48 -0.64
N GLN D 38 -29.48 -0.99 -0.27
CA GLN D 38 -30.51 -0.53 -1.21
C GLN D 38 -30.66 0.98 -1.06
N GLN D 39 -30.68 1.68 -2.19
CA GLN D 39 -30.87 3.13 -2.20
C GLN D 39 -32.00 3.48 -3.16
N VAL D 40 -33.17 3.76 -2.61
CA VAL D 40 -34.25 4.36 -3.40
C VAL D 40 -33.87 5.81 -3.68
N PRO D 41 -34.05 6.31 -4.91
CA PRO D 41 -33.57 7.66 -5.23
C PRO D 41 -34.22 8.70 -4.32
N GLY D 42 -33.38 9.61 -3.83
CA GLY D 42 -33.80 10.64 -2.92
C GLY D 42 -33.63 10.31 -1.45
N ALA D 43 -33.41 9.05 -1.11
CA ALA D 43 -33.26 8.60 0.27
C ALA D 43 -31.86 8.06 0.50
N ALA D 44 -31.52 7.92 1.78
CA ALA D 44 -30.22 7.38 2.17
C ALA D 44 -30.16 5.88 1.89
N PRO D 45 -28.95 5.32 1.77
CA PRO D 45 -28.84 3.87 1.60
C PRO D 45 -29.36 3.12 2.82
N LYS D 46 -29.84 1.91 2.58
CA LYS D 46 -30.44 1.07 3.61
C LYS D 46 -29.82 -0.32 3.54
N LEU D 47 -29.42 -0.83 4.71
CA LEU D 47 -28.74 -2.12 4.79
C LEU D 47 -29.75 -3.25 4.58
N LEU D 48 -29.49 -4.10 3.59
CA LEU D 48 -30.32 -5.27 3.32
C LEU D 48 -29.69 -6.57 3.81
N ILE D 49 -28.39 -6.75 3.58
CA ILE D 49 -27.70 -7.99 3.89
C ILE D 49 -26.40 -7.63 4.60
N TYR D 50 -26.10 -8.32 5.69
CA TYR D 50 -24.82 -8.22 6.36
C TYR D 50 -24.34 -9.61 6.71
N PHE D 51 -23.03 -9.77 6.81
CA PHE D 51 -22.39 -11.07 7.04
C PHE D 51 -22.85 -12.08 6.00
N ASP D 52 -22.70 -11.69 4.73
CA ASP D 52 -22.95 -12.54 3.57
C ASP D 52 -24.43 -12.85 3.37
N TYR D 53 -25.13 -13.30 4.42
CA TYR D 53 -26.49 -13.74 4.26
C TYR D 53 -27.46 -13.31 5.36
N ARG D 54 -27.00 -12.57 6.38
CA ARG D 54 -27.87 -12.19 7.48
C ARG D 54 -28.67 -10.94 7.12
N ARG D 55 -29.94 -10.92 7.50
CA ARG D 55 -30.83 -9.81 7.23
C ARG D 55 -31.10 -9.03 8.50
N PRO D 56 -30.95 -7.71 8.48
CA PRO D 56 -31.22 -6.90 9.67
C PRO D 56 -32.70 -6.82 9.99
N SER D 57 -33.04 -6.07 11.03
CA SER D 57 -34.42 -6.00 11.50
C SER D 57 -35.32 -5.36 10.46
N GLY D 58 -36.41 -6.04 10.11
CA GLY D 58 -37.39 -5.49 9.20
C GLY D 58 -37.17 -5.74 7.72
N VAL D 59 -36.36 -6.71 7.34
CA VAL D 59 -36.08 -7.01 5.94
C VAL D 59 -36.72 -8.35 5.60
N PRO D 60 -37.54 -8.41 4.55
CA PRO D 60 -38.29 -9.65 4.25
C PRO D 60 -37.38 -10.77 3.75
N ASP D 61 -37.97 -11.96 3.64
CA ASP D 61 -37.23 -13.14 3.20
C ASP D 61 -36.85 -13.07 1.74
N ARG D 62 -37.44 -12.14 0.97
CA ARG D 62 -37.15 -12.06 -0.45
C ARG D 62 -35.70 -11.67 -0.71
N PHE D 63 -35.10 -10.88 0.17
CA PHE D 63 -33.70 -10.52 0.04
C PHE D 63 -32.82 -11.62 0.60
N SER D 64 -31.83 -12.05 -0.18
CA SER D 64 -30.91 -13.10 0.25
C SER D 64 -29.54 -12.84 -0.36
N GLY D 65 -28.51 -13.36 0.29
CA GLY D 65 -27.15 -13.16 -0.17
C GLY D 65 -26.32 -14.40 0.06
N THR D 66 -25.31 -14.56 -0.81
CA THR D 66 -24.33 -15.64 -0.68
C THR D 66 -22.95 -15.07 -0.97
N ARG D 67 -21.94 -15.73 -0.42
CA ARG D 67 -20.55 -15.43 -0.73
C ARG D 67 -19.83 -16.73 -1.05
N SER D 68 -19.06 -16.73 -2.14
CA SER D 68 -18.32 -17.92 -2.55
C SER D 68 -17.04 -17.47 -3.26
N GLY D 69 -15.90 -17.79 -2.67
CA GLY D 69 -14.64 -17.40 -3.25
C GLY D 69 -14.49 -15.89 -3.28
N THR D 70 -14.32 -15.33 -4.48
CA THR D 70 -14.14 -13.90 -4.66
C THR D 70 -15.40 -13.20 -5.15
N SER D 71 -16.53 -13.89 -5.17
CA SER D 71 -17.77 -13.34 -5.72
C SER D 71 -18.88 -13.42 -4.69
N ALA D 72 -19.80 -12.47 -4.77
CA ALA D 72 -20.97 -12.41 -3.90
C ALA D 72 -22.21 -12.14 -4.75
N SER D 73 -23.35 -12.64 -4.27
CA SER D 73 -24.59 -12.54 -5.02
C SER D 73 -25.71 -12.11 -4.10
N LEU D 74 -26.64 -11.32 -4.66
CA LEU D 74 -27.82 -10.86 -3.94
C LEU D 74 -29.06 -11.28 -4.70
N GLY D 75 -30.01 -11.93 -4.00
CA GLY D 75 -31.22 -12.39 -4.64
C GLY D 75 -32.46 -11.71 -4.11
N ILE D 76 -33.28 -11.16 -5.00
CA ILE D 76 -34.53 -10.49 -4.64
C ILE D 76 -35.67 -11.31 -5.22
N SER D 77 -36.40 -12.02 -4.38
CA SER D 77 -37.58 -12.78 -4.79
C SER D 77 -38.81 -11.89 -4.84
N GLY D 78 -39.78 -12.28 -5.66
CA GLY D 78 -41.09 -11.66 -5.70
C GLY D 78 -41.04 -10.16 -5.91
N LEU D 79 -40.37 -9.75 -6.97
CA LEU D 79 -40.08 -8.33 -7.19
C LEU D 79 -41.38 -7.53 -7.33
N GLN D 80 -41.38 -6.37 -6.70
CA GLN D 80 -42.47 -5.41 -6.78
C GLN D 80 -41.90 -4.08 -7.23
N SER D 81 -42.79 -3.13 -7.56
CA SER D 81 -42.32 -1.88 -8.13
C SER D 81 -41.58 -1.04 -7.08
N GLU D 82 -41.89 -1.24 -5.80
CA GLU D 82 -41.17 -0.54 -4.75
C GLU D 82 -39.72 -0.99 -4.64
N ASP D 83 -39.34 -2.07 -5.33
CA ASP D 83 -37.99 -2.60 -5.28
C ASP D 83 -37.07 -2.01 -6.34
N GLU D 84 -37.56 -1.05 -7.12
CA GLU D 84 -36.70 -0.35 -8.08
C GLU D 84 -35.78 0.59 -7.32
N ALA D 85 -34.48 0.34 -7.39
CA ALA D 85 -33.50 1.14 -6.65
C ALA D 85 -32.11 0.77 -7.16
N ASP D 86 -31.11 1.44 -6.59
CA ASP D 86 -29.71 1.13 -6.83
C ASP D 86 -29.22 0.22 -5.71
N TYR D 87 -28.53 -0.85 -6.09
CA TYR D 87 -28.09 -1.87 -5.14
C TYR D 87 -26.56 -1.92 -5.13
N TYR D 88 -25.99 -1.78 -3.93
CA TYR D 88 -24.55 -1.70 -3.75
C TYR D 88 -24.07 -2.87 -2.90
N CYS D 89 -22.96 -3.46 -3.31
CA CYS D 89 -22.21 -4.41 -2.50
C CYS D 89 -21.03 -3.71 -1.87
N ALA D 90 -20.66 -4.15 -0.66
CA ALA D 90 -19.55 -3.55 0.05
C ALA D 90 -18.76 -4.62 0.78
N ALA D 91 -17.45 -4.38 0.89
CA ALA D 91 -16.57 -5.28 1.62
C ALA D 91 -15.32 -4.51 2.01
N TRP D 92 -14.64 -5.01 3.04
CA TRP D 92 -13.39 -4.42 3.49
C TRP D 92 -12.22 -5.01 2.71
N ASP D 93 -11.30 -4.14 2.29
CA ASP D 93 -10.13 -4.54 1.53
C ASP D 93 -8.90 -4.47 2.43
N ASP D 94 -8.27 -5.62 2.66
CA ASP D 94 -7.09 -5.66 3.53
C ASP D 94 -5.90 -4.99 2.85
N SER D 95 -5.72 -5.21 1.55
CA SER D 95 -4.61 -4.58 0.84
C SER D 95 -4.74 -3.07 0.85
N LEU D 96 -5.96 -2.56 0.68
CA LEU D 96 -6.20 -1.12 0.71
C LEU D 96 -6.47 -0.60 2.12
N SER D 97 -6.70 -1.47 3.09
CA SER D 97 -7.00 -1.05 4.46
C SER D 97 -8.16 -0.05 4.47
N ALA D 98 -9.18 -0.35 3.65
CA ALA D 98 -10.28 0.57 3.43
C ALA D 98 -11.56 -0.22 3.19
N TRP D 99 -12.69 0.47 3.37
CA TRP D 99 -14.01 -0.09 3.08
C TRP D 99 -14.37 0.26 1.64
N VAL D 100 -14.68 -0.76 0.84
CA VAL D 100 -14.80 -0.61 -0.60
C VAL D 100 -16.24 -0.89 -1.03
N PHE D 101 -16.74 -0.06 -1.95
CA PHE D 101 -18.08 -0.17 -2.49
C PHE D 101 -18.04 -0.63 -3.94
N GLY D 102 -19.13 -1.24 -4.39
CA GLY D 102 -19.35 -1.42 -5.80
C GLY D 102 -19.94 -0.16 -6.42
N ARG D 103 -19.84 -0.08 -7.75
CA ARG D 103 -20.40 1.09 -8.43
C ARG D 103 -21.91 1.16 -8.31
N GLY D 104 -22.57 0.05 -8.07
CA GLY D 104 -24.01 0.06 -7.95
C GLY D 104 -24.69 -0.55 -9.16
N THR D 105 -25.84 -1.17 -8.92
CA THR D 105 -26.62 -1.83 -9.97
C THR D 105 -28.02 -1.23 -9.95
N LYS D 106 -28.38 -0.54 -11.02
CA LYS D 106 -29.73 0.02 -11.15
C LYS D 106 -30.68 -1.09 -11.61
N LEU D 107 -31.70 -1.34 -10.81
CA LEU D 107 -32.67 -2.41 -11.08
C LEU D 107 -33.99 -1.80 -11.52
N THR D 108 -34.51 -2.28 -12.65
CA THR D 108 -35.78 -1.80 -13.19
C THR D 108 -36.76 -2.96 -13.30
N VAL D 109 -37.99 -2.74 -12.82
CA VAL D 109 -39.10 -3.67 -13.02
C VAL D 109 -39.83 -3.22 -14.28
N LEU D 110 -39.67 -3.99 -15.37
CA LEU D 110 -40.09 -3.54 -16.69
C LEU D 110 -41.54 -3.89 -17.04
N GLY D 111 -42.17 -4.84 -16.36
CA GLY D 111 -43.50 -5.26 -16.74
C GLY D 111 -44.64 -4.60 -15.99
N GLN D 112 -44.53 -3.29 -15.74
CA GLN D 112 -45.50 -2.53 -14.96
C GLN D 112 -46.62 -1.99 -15.86
N PRO D 113 -47.81 -1.77 -15.29
CA PRO D 113 -48.92 -1.23 -16.09
C PRO D 113 -48.59 0.13 -16.67
N LYS D 114 -48.80 0.26 -17.97
CA LYS D 114 -48.55 1.53 -18.66
C LYS D 114 -49.61 2.56 -18.29
N ALA D 115 -49.19 3.83 -18.29
CA ALA D 115 -50.08 4.94 -17.98
C ALA D 115 -49.72 6.11 -18.88
N ALA D 116 -50.73 6.91 -19.21
CA ALA D 116 -50.54 8.07 -20.07
C ALA D 116 -50.30 9.32 -19.24
N PRO D 117 -49.49 10.25 -19.74
CA PRO D 117 -49.12 11.41 -18.93
C PRO D 117 -50.30 12.33 -18.67
N SER D 118 -50.40 12.78 -17.44
CA SER D 118 -51.27 13.90 -17.09
C SER D 118 -50.43 15.18 -17.17
N VAL D 119 -50.88 16.13 -17.99
CA VAL D 119 -50.10 17.33 -18.30
C VAL D 119 -50.87 18.55 -17.84
N THR D 120 -50.17 19.43 -17.11
CA THR D 120 -50.72 20.71 -16.67
C THR D 120 -49.78 21.81 -17.11
N LEU D 121 -50.31 22.78 -17.85
CA LEU D 121 -49.52 23.90 -18.35
C LEU D 121 -49.97 25.17 -17.63
N PHE D 122 -49.02 25.85 -17.00
CA PHE D 122 -49.32 27.08 -16.27
C PHE D 122 -48.77 28.28 -17.00
N PRO D 123 -49.57 29.32 -17.20
CA PRO D 123 -49.06 30.55 -17.82
C PRO D 123 -48.20 31.32 -16.84
N PRO D 124 -47.51 32.36 -17.28
CA PRO D 124 -46.72 33.18 -16.35
C PRO D 124 -47.62 33.88 -15.35
N SER D 125 -47.21 33.86 -14.08
CA SER D 125 -47.85 34.67 -13.05
C SER D 125 -47.93 36.13 -13.51
N SER D 126 -49.03 36.79 -13.11
CA SER D 126 -49.08 38.24 -13.32
C SER D 126 -48.10 38.95 -12.39
N GLU D 127 -47.78 38.34 -11.25
CA GLU D 127 -46.73 38.90 -10.39
C GLU D 127 -45.37 38.81 -11.07
N GLU D 128 -45.09 37.70 -11.72
CA GLU D 128 -43.82 37.55 -12.43
C GLU D 128 -43.75 38.51 -13.62
N LEU D 129 -44.87 38.76 -14.29
CA LEU D 129 -44.87 39.73 -15.40
C LEU D 129 -44.62 41.14 -14.89
N GLN D 130 -45.14 41.47 -13.72
CA GLN D 130 -44.84 42.76 -13.10
C GLN D 130 -43.40 42.82 -12.60
N ALA D 131 -42.73 41.66 -12.47
CA ALA D 131 -41.30 41.60 -12.24
C ALA D 131 -40.51 41.50 -13.54
N ASN D 132 -41.13 41.81 -14.67
CA ASN D 132 -40.52 41.77 -16.00
C ASN D 132 -39.81 40.44 -16.26
N LYS D 133 -40.51 39.35 -16.02
CA LYS D 133 -40.06 38.02 -16.42
C LYS D 133 -41.29 37.18 -16.73
N ALA D 134 -41.08 36.12 -17.53
CA ALA D 134 -42.17 35.24 -17.92
C ALA D 134 -41.65 33.81 -18.01
N THR D 135 -42.32 32.89 -17.31
CA THR D 135 -41.96 31.48 -17.33
C THR D 135 -43.22 30.64 -17.50
N LEU D 136 -43.21 29.76 -18.49
CA LEU D 136 -44.27 28.78 -18.68
C LEU D 136 -43.86 27.46 -18.05
N VAL D 137 -44.75 26.90 -17.23
CA VAL D 137 -44.47 25.69 -16.46
C VAL D 137 -45.34 24.56 -16.99
N CYS D 138 -44.71 23.52 -17.51
CA CYS D 138 -45.39 22.33 -18.01
C CYS D 138 -45.05 21.17 -17.09
N LEU D 139 -46.05 20.64 -16.40
CA LEU D 139 -45.86 19.61 -15.40
C LEU D 139 -46.47 18.31 -15.89
N ILE D 140 -45.66 17.27 -15.97
CA ILE D 140 -46.05 15.98 -16.52
C ILE D 140 -45.95 14.95 -15.41
N SER D 141 -47.06 14.25 -15.14
CA SER D 141 -47.13 13.36 -13.99
C SER D 141 -47.83 12.06 -14.37
N ASP D 142 -47.61 11.04 -13.55
CA ASP D 142 -48.39 9.79 -13.57
C ASP D 142 -48.33 9.11 -14.94
N PHE D 143 -47.11 8.88 -15.42
CA PHE D 143 -46.90 8.16 -16.67
C PHE D 143 -45.92 7.00 -16.45
N TYR D 144 -46.14 5.93 -17.21
CA TYR D 144 -45.24 4.79 -17.26
C TYR D 144 -45.31 4.26 -18.68
N PRO D 145 -44.16 3.92 -19.30
CA PRO D 145 -42.79 3.96 -18.75
C PRO D 145 -42.23 5.37 -18.53
N GLY D 146 -40.98 5.44 -18.06
CA GLY D 146 -40.43 6.71 -17.62
C GLY D 146 -40.08 7.66 -18.75
N ALA D 147 -39.64 7.13 -19.89
CA ALA D 147 -39.15 7.99 -20.96
C ALA D 147 -40.28 8.81 -21.56
N VAL D 148 -40.03 10.12 -21.73
CA VAL D 148 -40.99 11.06 -22.30
C VAL D 148 -40.19 12.14 -23.02
N THR D 149 -40.81 12.76 -24.03
CA THR D 149 -40.20 13.80 -24.82
C THR D 149 -41.13 15.01 -24.85
N VAL D 150 -40.58 16.20 -24.61
CA VAL D 150 -41.35 17.43 -24.49
C VAL D 150 -40.89 18.42 -25.56
N ALA D 151 -41.85 18.97 -26.31
CA ALA D 151 -41.59 20.01 -27.28
C ALA D 151 -42.48 21.21 -27.00
N TRP D 152 -41.99 22.40 -27.35
CA TRP D 152 -42.70 23.64 -27.11
C TRP D 152 -43.03 24.32 -28.43
N LYS D 153 -44.12 25.08 -28.44
CA LYS D 153 -44.58 25.76 -29.64
C LYS D 153 -45.07 27.16 -29.29
N ALA D 154 -44.62 28.14 -30.06
CA ALA D 154 -45.14 29.50 -30.00
C ALA D 154 -46.10 29.70 -31.16
N ASP D 155 -47.36 29.98 -30.85
CA ASP D 155 -48.45 29.90 -31.82
C ASP D 155 -48.48 28.49 -32.41
N SER D 156 -47.93 28.31 -33.61
CA SER D 156 -47.74 26.98 -34.17
C SER D 156 -46.30 26.74 -34.63
N SER D 157 -45.38 27.68 -34.37
CA SER D 157 -43.97 27.52 -34.69
C SER D 157 -43.21 26.96 -33.50
N PRO D 158 -42.39 25.93 -33.68
CA PRO D 158 -41.71 25.31 -32.54
C PRO D 158 -40.69 26.24 -31.89
N VAL D 159 -40.48 26.03 -30.60
CA VAL D 159 -39.57 26.83 -29.77
C VAL D 159 -38.47 25.91 -29.26
N LYS D 160 -37.21 26.32 -29.47
CA LYS D 160 -36.07 25.64 -28.87
C LYS D 160 -35.27 26.50 -27.92
N ALA D 161 -35.44 27.82 -27.92
CA ALA D 161 -34.68 28.71 -27.06
C ALA D 161 -35.38 28.92 -25.74
N GLY D 162 -34.63 28.82 -24.64
CA GLY D 162 -35.18 29.04 -23.32
C GLY D 162 -35.91 27.86 -22.72
N VAL D 163 -35.60 26.64 -23.18
CA VAL D 163 -36.29 25.44 -22.73
C VAL D 163 -35.35 24.64 -21.84
N GLU D 164 -35.83 24.27 -20.65
CA GLU D 164 -35.11 23.42 -19.72
C GLU D 164 -36.07 22.37 -19.20
N THR D 165 -35.70 21.09 -19.32
CA THR D 165 -36.58 19.98 -18.99
C THR D 165 -35.87 19.00 -18.07
N THR D 166 -36.58 18.56 -17.02
CA THR D 166 -36.04 17.57 -16.11
C THR D 166 -36.01 16.20 -16.78
N THR D 167 -35.37 15.25 -16.09
CA THR D 167 -35.39 13.82 -16.32
C THR D 167 -36.51 13.20 -15.49
N PRO D 168 -37.19 12.17 -15.99
CA PRO D 168 -38.32 11.61 -15.25
C PRO D 168 -37.94 11.18 -13.84
N SER D 169 -38.90 11.30 -12.93
CA SER D 169 -38.69 11.04 -11.51
C SER D 169 -39.83 10.16 -10.99
N LYS D 170 -39.48 9.10 -10.28
CA LYS D 170 -40.49 8.24 -9.67
C LYS D 170 -41.17 8.96 -8.52
N GLN D 171 -42.47 8.76 -8.39
CA GLN D 171 -43.26 9.40 -7.36
C GLN D 171 -43.62 8.41 -6.26
N SER D 172 -44.54 8.83 -5.39
CA SER D 172 -44.97 7.96 -4.29
C SER D 172 -45.79 6.78 -4.81
N ASN D 173 -46.60 6.99 -5.83
CA ASN D 173 -47.42 5.93 -6.42
C ASN D 173 -46.66 5.10 -7.44
N ASN D 174 -45.33 5.19 -7.46
CA ASN D 174 -44.44 4.40 -8.30
C ASN D 174 -44.61 4.69 -9.79
N LYS D 175 -45.27 5.79 -10.15
CA LYS D 175 -45.28 6.27 -11.52
C LYS D 175 -44.28 7.42 -11.66
N TYR D 176 -44.04 7.84 -12.89
CA TYR D 176 -42.98 8.80 -13.19
C TYR D 176 -43.56 10.17 -13.51
N ALA D 177 -42.75 11.20 -13.23
CA ALA D 177 -43.14 12.58 -13.45
C ALA D 177 -41.96 13.38 -13.96
N ALA D 178 -42.26 14.45 -14.69
CA ALA D 178 -41.23 15.33 -15.23
C ALA D 178 -41.83 16.72 -15.40
N SER D 179 -40.94 17.71 -15.58
CA SER D 179 -41.35 19.09 -15.72
C SER D 179 -40.51 19.76 -16.80
N SER D 180 -41.11 20.74 -17.47
CA SER D 180 -40.41 21.52 -18.48
C SER D 180 -40.75 22.99 -18.30
N TYR D 181 -39.81 23.86 -18.66
CA TYR D 181 -39.91 25.29 -18.45
C TYR D 181 -39.55 26.02 -19.73
N LEU D 182 -40.29 27.09 -20.02
CA LEU D 182 -39.96 27.98 -21.12
C LEU D 182 -39.94 29.40 -20.58
N SER D 183 -38.78 30.04 -20.64
CA SER D 183 -38.59 31.38 -20.12
C SER D 183 -38.57 32.37 -21.27
N LEU D 184 -39.42 33.39 -21.18
CA LEU D 184 -39.54 34.39 -22.22
C LEU D 184 -39.62 35.77 -21.56
N THR D 185 -39.85 36.74 -22.36
CA THR D 185 -40.06 38.12 -21.98
C THR D 185 -41.55 38.44 -21.95
N PRO D 186 -41.99 39.36 -21.09
CA PRO D 186 -43.40 39.78 -21.15
C PRO D 186 -43.81 40.27 -22.53
N GLU D 187 -42.88 40.88 -23.27
CA GLU D 187 -43.16 41.28 -24.64
C GLU D 187 -43.39 40.05 -25.52
N GLN D 188 -42.51 39.04 -25.41
CA GLN D 188 -42.70 37.82 -26.17
C GLN D 188 -43.99 37.11 -25.78
N TRP D 189 -44.30 37.09 -24.47
CA TRP D 189 -45.50 36.42 -23.99
C TRP D 189 -46.76 37.08 -24.56
N LYS D 190 -46.83 38.40 -24.49
CA LYS D 190 -47.99 39.13 -25.00
C LYS D 190 -48.01 39.21 -26.52
N SER D 191 -46.87 39.02 -27.18
CA SER D 191 -46.81 39.13 -28.63
C SER D 191 -47.65 38.03 -29.30
N HIS D 192 -47.41 36.78 -28.92
CA HIS D 192 -48.03 35.66 -29.61
C HIS D 192 -49.48 35.49 -29.19
N ARG D 193 -50.22 34.72 -30.00
CA ARG D 193 -51.62 34.43 -29.70
C ARG D 193 -51.77 33.34 -28.66
N SER D 194 -50.87 32.36 -28.64
CA SER D 194 -50.96 31.24 -27.71
C SER D 194 -49.60 30.58 -27.60
N TYR D 195 -49.47 29.71 -26.60
CA TYR D 195 -48.29 28.88 -26.42
C TYR D 195 -48.74 27.46 -26.09
N SER D 196 -47.93 26.48 -26.49
CA SER D 196 -48.30 25.08 -26.36
C SER D 196 -47.14 24.27 -25.80
N CYS D 197 -47.46 23.30 -24.96
CA CYS D 197 -46.51 22.32 -24.46
C CYS D 197 -46.91 20.96 -25.02
N GLN D 198 -46.06 20.39 -25.87
CA GLN D 198 -46.36 19.11 -26.52
C GLN D 198 -45.60 17.99 -25.81
N VAL D 199 -46.34 17.04 -25.23
CA VAL D 199 -45.77 15.92 -24.49
C VAL D 199 -46.09 14.63 -25.24
N THR D 200 -45.03 13.95 -25.71
CA THR D 200 -45.09 12.66 -26.38
C THR D 200 -44.52 11.55 -25.52
N HIS D 201 -45.32 10.50 -25.38
CA HIS D 201 -45.05 9.35 -24.53
C HIS D 201 -45.51 8.11 -25.29
N GLU D 202 -44.59 7.20 -25.58
CA GLU D 202 -44.89 5.94 -26.27
C GLU D 202 -45.57 6.19 -27.62
N GLY D 203 -45.04 7.15 -28.37
CA GLY D 203 -45.51 7.42 -29.72
C GLY D 203 -46.76 8.26 -29.83
N SER D 204 -47.43 8.58 -28.72
CA SER D 204 -48.64 9.38 -28.73
C SER D 204 -48.41 10.71 -28.03
N THR D 205 -49.22 11.70 -28.42
CA THR D 205 -48.98 13.09 -28.05
C THR D 205 -50.16 13.66 -27.27
N VAL D 206 -49.86 14.39 -26.19
CA VAL D 206 -50.84 15.20 -25.46
C VAL D 206 -50.35 16.64 -25.45
N GLU D 207 -51.15 17.54 -26.04
CA GLU D 207 -50.80 18.95 -26.18
C GLU D 207 -51.71 19.81 -25.30
N LYS D 208 -51.11 20.65 -24.46
CA LYS D 208 -51.82 21.69 -23.73
C LYS D 208 -51.45 23.07 -24.25
N THR D 209 -52.39 24.01 -24.16
CA THR D 209 -52.22 25.35 -24.70
C THR D 209 -52.74 26.40 -23.72
N VAL D 210 -52.02 27.52 -23.63
CA VAL D 210 -52.41 28.65 -22.79
C VAL D 210 -52.30 29.93 -23.61
N ALA D 211 -53.19 30.88 -23.32
CA ALA D 211 -53.21 32.14 -24.05
C ALA D 211 -53.28 33.32 -23.08
N PRO D 212 -52.53 34.39 -23.33
CA PRO D 212 -52.54 35.61 -22.51
C PRO D 212 -53.92 36.27 -22.46
N GLN E 1 32.45 -4.28 -18.36
CA GLN E 1 31.82 -5.44 -17.71
C GLN E 1 30.34 -5.54 -18.07
N VAL E 2 29.60 -6.23 -17.23
CA VAL E 2 28.18 -6.51 -17.51
C VAL E 2 27.36 -5.27 -17.17
N THR E 3 26.23 -5.11 -17.85
CA THR E 3 25.37 -3.96 -17.70
C THR E 3 23.97 -4.40 -17.27
N LEU E 4 23.42 -3.73 -16.28
CA LEU E 4 22.07 -4.00 -15.78
C LEU E 4 21.20 -2.77 -15.97
N ARG E 5 19.98 -2.98 -16.43
CA ARG E 5 19.02 -1.89 -16.64
C ARG E 5 17.65 -2.37 -16.19
N GLU E 6 17.06 -1.67 -15.23
CA GLU E 6 15.74 -2.05 -14.75
C GLU E 6 14.66 -1.62 -15.73
N SER E 7 13.51 -2.31 -15.64
CA SER E 7 12.40 -2.12 -16.57
C SER E 7 11.13 -2.36 -15.78
N GLY E 8 10.24 -1.37 -15.75
CA GLY E 8 9.14 -1.42 -14.81
C GLY E 8 7.85 -0.74 -15.22
N PRO E 9 6.74 -1.17 -14.60
CA PRO E 9 5.45 -0.55 -14.91
C PRO E 9 5.32 0.87 -14.37
N GLY E 10 5.86 1.14 -13.20
CA GLY E 10 5.76 2.44 -12.56
C GLY E 10 4.58 2.58 -11.62
N LEU E 11 3.43 2.03 -12.01
CA LEU E 11 2.22 2.08 -11.20
C LEU E 11 1.63 0.69 -11.12
N VAL E 12 1.38 0.22 -9.90
CA VAL E 12 0.81 -1.09 -9.65
C VAL E 12 -0.37 -0.93 -8.70
N LYS E 13 -1.50 -1.52 -9.07
CA LYS E 13 -2.66 -1.45 -8.20
C LYS E 13 -2.42 -2.27 -6.94
N PRO E 14 -2.92 -1.82 -5.80
CA PRO E 14 -2.76 -2.61 -4.57
C PRO E 14 -3.45 -3.96 -4.70
N SER E 15 -2.90 -4.95 -4.02
CA SER E 15 -3.33 -6.35 -3.99
C SER E 15 -2.96 -7.10 -5.26
N GLU E 16 -2.34 -6.45 -6.24
CA GLU E 16 -1.95 -7.10 -7.48
C GLU E 16 -0.47 -7.50 -7.40
N THR E 17 0.03 -8.04 -8.51
CA THR E 17 1.37 -8.62 -8.55
C THR E 17 2.33 -7.63 -9.20
N LEU E 18 3.39 -7.26 -8.47
CA LEU E 18 4.43 -6.40 -9.02
C LEU E 18 5.44 -7.26 -9.77
N SER E 19 5.65 -6.93 -11.05
CA SER E 19 6.57 -7.67 -11.90
C SER E 19 7.58 -6.69 -12.49
N LEU E 20 8.86 -7.07 -12.43
CA LEU E 20 9.93 -6.26 -12.98
C LEU E 20 10.90 -7.16 -13.72
N THR E 21 11.62 -6.57 -14.67
CA THR E 21 12.64 -7.27 -15.44
C THR E 21 13.89 -6.41 -15.50
N CYS E 22 15.03 -7.01 -15.23
CA CYS E 22 16.32 -6.35 -15.38
C CYS E 22 17.01 -6.95 -16.59
N ALA E 23 17.27 -6.11 -17.60
CA ALA E 23 17.88 -6.57 -18.83
C ALA E 23 19.40 -6.55 -18.69
N VAL E 24 20.03 -7.69 -18.97
CA VAL E 24 21.45 -7.87 -18.79
C VAL E 24 22.16 -7.64 -20.13
N SER E 25 23.22 -6.84 -20.11
CA SER E 25 23.98 -6.56 -21.32
C SER E 25 25.44 -7.00 -21.15
N LEU E 29 26.25 -11.60 -22.70
CA LEU E 29 25.69 -12.95 -22.63
C LEU E 29 25.21 -13.27 -21.22
N SER E 30 24.46 -14.37 -21.09
CA SER E 30 23.86 -14.78 -19.84
C SER E 30 24.25 -16.21 -19.47
N SER E 31 25.38 -16.68 -19.98
CA SER E 31 25.91 -17.99 -19.60
C SER E 31 26.97 -17.86 -18.49
N VAL E 32 26.64 -17.10 -17.46
CA VAL E 32 27.60 -16.77 -16.41
C VAL E 32 27.21 -17.47 -15.12
N ASN E 33 28.18 -17.55 -14.19
CA ASN E 33 28.01 -18.18 -12.88
C ASN E 33 27.69 -17.15 -11.81
N TYR E 34 26.84 -16.18 -12.12
CA TYR E 34 26.62 -15.03 -11.25
C TYR E 34 25.44 -15.23 -10.33
N TYR E 35 25.46 -14.49 -9.22
CA TYR E 35 24.27 -14.27 -8.40
C TYR E 35 23.59 -13.00 -8.89
N TRP E 36 22.29 -13.08 -9.13
CA TRP E 36 21.51 -11.93 -9.60
C TRP E 36 20.52 -11.52 -8.50
N SER E 37 20.67 -10.31 -7.99
CA SER E 37 19.94 -9.86 -6.81
C SER E 37 18.98 -8.74 -7.14
N TRP E 38 18.11 -8.44 -6.17
CA TRP E 38 17.17 -7.32 -6.25
C TRP E 38 17.19 -6.57 -4.91
N ILE E 39 17.31 -5.25 -4.99
CA ILE E 39 17.27 -4.40 -3.81
C ILE E 39 16.18 -3.35 -4.00
N ARG E 40 15.52 -2.99 -2.90
CA ARG E 40 14.50 -1.96 -2.92
C ARG E 40 14.69 -1.01 -1.75
N GLN E 41 14.15 0.20 -1.89
CA GLN E 41 14.29 1.26 -0.90
C GLN E 41 13.00 2.06 -0.85
N HIS E 42 12.25 1.92 0.25
CA HIS E 42 11.06 2.73 0.44
C HIS E 42 11.44 4.21 0.51
N PRO E 43 10.61 5.12 -0.03
CA PRO E 43 10.96 6.54 -0.02
C PRO E 43 11.34 7.07 1.35
N GLY E 44 12.53 7.65 1.45
CA GLY E 44 13.03 8.15 2.72
C GLY E 44 13.32 7.08 3.75
N LYS E 45 13.78 5.90 3.30
CA LYS E 45 14.09 4.80 4.20
C LYS E 45 15.40 4.17 3.75
N GLY E 46 15.79 3.09 4.43
CA GLY E 46 17.03 2.41 4.15
C GLY E 46 16.91 1.38 3.06
N LEU E 47 18.03 0.73 2.78
CA LEU E 47 18.07 -0.32 1.76
C LEU E 47 17.57 -1.63 2.32
N GLU E 48 16.73 -2.32 1.56
CA GLU E 48 16.16 -3.60 1.97
C GLU E 48 16.48 -4.64 0.91
N TRP E 49 17.24 -5.66 1.31
CA TRP E 49 17.57 -6.74 0.40
C TRP E 49 16.35 -7.62 0.18
N ILE E 50 16.03 -7.87 -1.10
CA ILE E 50 14.87 -8.68 -1.44
C ILE E 50 15.25 -10.14 -1.62
N GLY E 51 16.30 -10.39 -2.39
CA GLY E 51 16.74 -11.75 -2.64
C GLY E 51 17.67 -11.81 -3.83
N TYR E 52 18.14 -13.02 -4.11
CA TYR E 52 18.97 -13.28 -5.28
C TYR E 52 18.48 -14.55 -5.95
N ILE E 53 18.97 -14.77 -7.17
CA ILE E 53 18.77 -16.03 -7.87
C ILE E 53 20.09 -16.45 -8.49
N TYR E 54 20.49 -17.70 -8.25
CA TYR E 54 21.74 -18.24 -8.77
C TYR E 54 21.50 -18.83 -10.16
N TYR E 55 22.60 -18.96 -10.92
CA TYR E 55 22.49 -19.61 -12.22
C TYR E 55 22.19 -21.09 -12.07
N SER E 56 22.51 -21.67 -10.92
CA SER E 56 22.05 -23.00 -10.53
C SER E 56 20.54 -23.08 -10.36
N GLY E 57 19.83 -21.95 -10.43
CA GLY E 57 18.42 -21.91 -10.15
C GLY E 57 18.07 -21.82 -8.68
N SER E 58 19.04 -22.01 -7.80
CA SER E 58 18.81 -21.89 -6.38
C SER E 58 18.43 -20.45 -6.03
N THR E 59 17.57 -20.31 -5.01
CA THR E 59 16.93 -19.04 -4.73
C THR E 59 16.98 -18.80 -3.22
N ASN E 60 17.21 -17.55 -2.85
CA ASN E 60 17.27 -17.15 -1.44
C ASN E 60 16.58 -15.80 -1.30
N TYR E 61 15.55 -15.77 -0.45
CA TYR E 61 14.69 -14.59 -0.31
C TYR E 61 14.79 -14.02 1.10
N ASN E 62 14.39 -12.76 1.21
CA ASN E 62 14.29 -12.11 2.51
C ASN E 62 13.26 -12.85 3.36
N PRO E 63 13.59 -13.20 4.61
CA PRO E 63 12.62 -13.90 5.46
C PRO E 63 11.30 -13.15 5.63
N SER E 64 11.33 -11.81 5.68
CA SER E 64 10.10 -11.05 5.86
C SER E 64 9.19 -11.15 4.64
N LEU E 65 9.74 -11.26 3.44
CA LEU E 65 8.98 -11.20 2.20
C LEU E 65 8.90 -12.53 1.48
N LYS E 66 9.39 -13.62 2.09
CA LYS E 66 9.58 -14.87 1.37
C LYS E 66 8.27 -15.39 0.78
N SER E 67 7.15 -15.19 1.48
CA SER E 67 5.88 -15.75 1.02
C SER E 67 5.42 -15.13 -0.30
N ARG E 68 5.80 -13.88 -0.58
CA ARG E 68 5.31 -13.16 -1.75
C ARG E 68 6.33 -13.05 -2.87
N VAL E 69 7.59 -13.44 -2.64
CA VAL E 69 8.67 -13.21 -3.60
C VAL E 69 8.90 -14.48 -4.42
N THR E 70 9.00 -14.31 -5.74
CA THR E 70 9.56 -15.33 -6.61
C THR E 70 10.33 -14.62 -7.72
N MET E 71 11.57 -15.03 -7.93
CA MET E 71 12.44 -14.46 -8.95
C MET E 71 12.87 -15.54 -9.93
N SER E 72 13.11 -15.13 -11.17
CA SER E 72 13.35 -16.08 -12.25
C SER E 72 14.51 -15.62 -13.12
N LEU E 73 15.01 -16.54 -13.92
CA LEU E 73 16.06 -16.30 -14.90
C LEU E 73 15.53 -16.64 -16.29
N ASP E 74 16.05 -15.94 -17.30
CA ASP E 74 15.63 -16.16 -18.68
C ASP E 74 16.87 -16.16 -19.57
N THR E 75 17.30 -17.35 -19.97
CA THR E 75 18.45 -17.48 -20.86
C THR E 75 18.17 -16.87 -22.23
N SER E 76 16.93 -16.99 -22.70
CA SER E 76 16.58 -16.45 -24.02
C SER E 76 16.68 -14.93 -24.05
N LYS E 77 15.86 -14.25 -23.25
CA LYS E 77 15.76 -12.79 -23.32
C LYS E 77 16.90 -12.07 -22.62
N ASN E 78 17.89 -12.80 -22.06
CA ASN E 78 19.03 -12.19 -21.38
C ASN E 78 18.58 -11.28 -20.25
N GLN E 79 17.62 -11.75 -19.45
CA GLN E 79 17.05 -10.94 -18.38
C GLN E 79 16.61 -11.84 -17.24
N PHE E 80 16.64 -11.28 -16.03
CA PHE E 80 16.08 -11.93 -14.86
C PHE E 80 14.98 -11.05 -14.29
N SER E 81 13.99 -11.69 -13.65
CA SER E 81 12.76 -11.03 -13.28
C SER E 81 12.50 -11.16 -11.79
N LEU E 82 11.65 -10.26 -11.28
CA LEU E 82 11.18 -10.28 -9.90
C LEU E 82 9.66 -10.19 -9.90
N LYS E 83 9.02 -10.98 -9.04
CA LYS E 83 7.58 -10.94 -8.90
C LYS E 83 7.22 -10.83 -7.42
N LEU E 84 6.37 -9.87 -7.08
CA LEU E 84 5.96 -9.59 -5.71
C LEU E 84 4.44 -9.50 -5.69
N SER E 85 3.77 -10.44 -5.03
CA SER E 85 2.33 -10.58 -5.06
C SER E 85 1.67 -9.87 -3.88
N SER E 86 0.33 -9.81 -3.93
CA SER E 86 -0.49 -9.09 -2.96
C SER E 86 0.17 -7.79 -2.52
N VAL E 87 0.30 -6.87 -3.49
CA VAL E 87 1.03 -5.62 -3.28
C VAL E 87 0.23 -4.67 -2.41
N THR E 88 0.91 -4.04 -1.45
CA THR E 88 0.35 -2.97 -0.63
C THR E 88 1.20 -1.71 -0.78
N ALA E 89 0.79 -0.66 -0.06
CA ALA E 89 1.48 0.64 -0.17
C ALA E 89 2.85 0.64 0.48
N ALA E 90 3.18 -0.38 1.27
CA ALA E 90 4.54 -0.50 1.81
C ALA E 90 5.52 -1.01 0.77
N ASP E 91 5.04 -1.51 -0.36
CA ASP E 91 5.91 -1.97 -1.44
C ASP E 91 6.25 -0.86 -2.42
N THR E 92 5.78 0.36 -2.18
CA THR E 92 6.25 1.50 -2.95
C THR E 92 7.70 1.77 -2.61
N ALA E 93 8.58 1.69 -3.61
CA ALA E 93 10.01 1.78 -3.38
C ALA E 93 10.71 1.94 -4.72
N VAL E 94 11.99 2.29 -4.66
CA VAL E 94 12.87 2.23 -5.82
C VAL E 94 13.53 0.85 -5.80
N TYR E 95 13.34 0.10 -6.89
CA TYR E 95 13.82 -1.27 -6.98
C TYR E 95 15.08 -1.30 -7.85
N TYR E 96 16.17 -1.81 -7.29
CA TYR E 96 17.43 -1.90 -8.01
C TYR E 96 17.75 -3.36 -8.33
N CYS E 97 18.13 -3.63 -9.58
CA CYS E 97 18.75 -4.91 -9.92
C CYS E 97 20.27 -4.78 -9.79
N ALA E 98 20.88 -5.69 -9.04
CA ALA E 98 22.32 -5.70 -8.81
C ALA E 98 22.86 -7.10 -9.02
N THR E 99 24.19 -7.22 -8.94
CA THR E 99 24.87 -8.51 -9.00
C THR E 99 26.22 -8.44 -8.30
N PRO E 100 26.54 -9.41 -7.46
CA PRO E 100 27.90 -9.51 -6.89
C PRO E 100 28.86 -10.31 -7.74
N GLY E 101 28.42 -10.88 -8.85
CA GLY E 101 29.26 -11.73 -9.66
C GLY E 101 29.22 -13.18 -9.23
N ALA E 102 30.34 -13.88 -9.37
CA ALA E 102 30.39 -15.31 -9.06
C ALA E 102 30.50 -15.59 -7.57
N ILE E 103 30.88 -14.60 -6.76
CA ILE E 103 31.04 -14.76 -5.32
C ILE E 103 29.96 -13.95 -4.62
N MET E 104 29.25 -14.59 -3.70
CA MET E 104 28.16 -13.93 -2.96
C MET E 104 28.76 -13.04 -1.89
N GLY E 105 28.99 -11.78 -2.26
CA GLY E 105 29.50 -10.81 -1.32
C GLY E 105 28.97 -9.43 -1.62
N ALA E 106 29.85 -8.46 -1.84
CA ALA E 106 29.41 -7.11 -2.16
C ALA E 106 28.83 -7.05 -3.57
N LEU E 107 27.83 -6.19 -3.72
CA LEU E 107 27.18 -5.98 -5.02
C LEU E 107 27.98 -4.94 -5.78
N HIS E 108 28.64 -5.37 -6.85
CA HIS E 108 29.56 -4.49 -7.56
C HIS E 108 28.84 -3.61 -8.58
N ILE E 109 27.92 -4.18 -9.34
CA ILE E 109 27.27 -3.47 -10.44
C ILE E 109 25.78 -3.34 -10.12
N TRP E 110 25.27 -2.11 -10.26
CA TRP E 110 23.88 -1.79 -9.99
C TRP E 110 23.20 -1.31 -11.25
N GLY E 111 21.86 -1.28 -11.21
CA GLY E 111 21.08 -0.64 -12.23
C GLY E 111 20.79 0.80 -11.89
N GLN E 112 20.13 1.49 -12.83
CA GLN E 112 19.75 2.88 -12.58
C GLN E 112 18.66 2.97 -11.52
N GLY E 113 17.83 1.93 -11.41
CA GLY E 113 16.72 1.95 -10.47
C GLY E 113 15.42 2.38 -11.11
N THR E 114 14.32 1.76 -10.72
CA THR E 114 13.01 2.14 -11.19
C THR E 114 12.08 2.34 -10.00
N LEU E 115 11.31 3.41 -10.05
CA LEU E 115 10.37 3.72 -8.98
C LEU E 115 9.05 3.01 -9.26
N VAL E 116 8.55 2.29 -8.27
CA VAL E 116 7.26 1.62 -8.34
C VAL E 116 6.36 2.25 -7.28
N THR E 117 5.25 2.82 -7.71
CA THR E 117 4.29 3.45 -6.82
C THR E 117 3.07 2.55 -6.69
N VAL E 118 2.62 2.35 -5.45
CA VAL E 118 1.48 1.48 -5.17
C VAL E 118 0.32 2.38 -4.77
N SER E 119 -0.66 2.49 -5.66
CA SER E 119 -1.84 3.31 -5.39
C SER E 119 -2.97 2.84 -6.30
N SER E 120 -4.20 3.02 -5.82
CA SER E 120 -5.37 2.75 -6.64
C SER E 120 -5.65 3.84 -7.66
N ALA E 121 -5.00 4.99 -7.54
CA ALA E 121 -5.24 6.10 -8.44
C ALA E 121 -4.74 5.78 -9.85
N SER E 122 -5.33 6.46 -10.82
CA SER E 122 -4.97 6.28 -12.23
C SER E 122 -3.82 7.19 -12.60
N THR E 123 -3.00 6.73 -13.55
CA THR E 123 -2.00 7.59 -14.16
C THR E 123 -2.66 8.82 -14.76
N LYS E 124 -2.00 9.97 -14.62
CA LYS E 124 -2.47 11.20 -15.25
C LYS E 124 -1.29 11.89 -15.91
N GLY E 125 -1.47 12.26 -17.18
CA GLY E 125 -0.46 13.00 -17.89
C GLY E 125 -0.41 14.44 -17.41
N PRO E 126 0.75 15.08 -17.56
CA PRO E 126 0.91 16.43 -17.05
C PRO E 126 0.51 17.49 -18.06
N SER E 127 0.07 18.62 -17.53
CA SER E 127 -0.18 19.81 -18.32
C SER E 127 1.00 20.74 -18.16
N VAL E 128 1.66 21.05 -19.27
CA VAL E 128 2.89 21.85 -19.26
C VAL E 128 2.54 23.27 -19.68
N PHE E 129 2.90 24.24 -18.84
CA PHE E 129 2.69 25.64 -19.15
C PHE E 129 4.02 26.38 -19.14
N PRO E 130 4.16 27.43 -19.93
CA PRO E 130 5.42 28.18 -19.94
C PRO E 130 5.48 29.18 -18.80
N LEU E 131 6.69 29.36 -18.26
CA LEU E 131 7.00 30.40 -17.28
C LEU E 131 7.82 31.45 -18.02
N ALA E 132 7.13 32.46 -18.55
CA ALA E 132 7.74 33.42 -19.44
C ALA E 132 8.78 34.27 -18.70
N PRO E 133 9.84 34.69 -19.39
CA PRO E 133 10.89 35.47 -18.74
C PRO E 133 10.45 36.87 -18.34
N SER E 134 11.17 37.40 -17.35
CA SER E 134 10.86 38.67 -16.70
C SER E 134 10.78 39.83 -17.69
N SER E 135 10.25 40.95 -17.20
CA SER E 135 10.41 42.23 -17.86
C SER E 135 11.87 42.68 -17.83
N THR E 138 14.97 38.51 -16.05
CA THR E 138 15.72 39.75 -16.16
C THR E 138 16.02 40.31 -14.77
N SER E 139 17.27 40.15 -14.35
CA SER E 139 17.80 40.68 -13.10
C SER E 139 19.29 40.94 -13.30
N GLY E 140 19.61 41.87 -14.21
CA GLY E 140 20.99 42.25 -14.45
C GLY E 140 21.64 41.58 -15.65
N GLY E 141 20.90 41.49 -16.75
CA GLY E 141 21.37 40.86 -17.97
C GLY E 141 21.07 39.37 -18.09
N THR E 142 20.80 38.70 -16.97
CA THR E 142 20.39 37.30 -16.98
C THR E 142 18.89 37.22 -16.80
N ALA E 143 18.23 36.40 -17.62
CA ALA E 143 16.79 36.22 -17.56
C ALA E 143 16.47 34.77 -17.22
N ALA E 144 15.45 34.58 -16.38
CA ALA E 144 15.02 33.26 -15.96
C ALA E 144 13.69 32.93 -16.64
N LEU E 145 13.67 31.83 -17.39
CA LEU E 145 12.47 31.30 -17.99
C LEU E 145 12.37 29.82 -17.67
N GLY E 146 11.14 29.32 -17.57
CA GLY E 146 10.95 27.96 -17.14
C GLY E 146 9.72 27.24 -17.66
N CYS E 147 9.43 26.08 -17.09
CA CYS E 147 8.29 25.27 -17.46
C CYS E 147 7.58 24.79 -16.20
N LEU E 148 6.25 24.85 -16.23
CA LEU E 148 5.42 24.38 -15.12
C LEU E 148 4.78 23.07 -15.56
N VAL E 149 5.18 21.98 -14.91
CA VAL E 149 4.66 20.65 -15.20
C VAL E 149 3.67 20.32 -14.09
N LYS E 150 2.37 20.40 -14.41
CA LYS E 150 1.32 20.43 -13.41
C LYS E 150 0.48 19.16 -13.45
N ASP E 151 0.13 18.65 -12.27
CA ASP E 151 -0.88 17.61 -12.09
C ASP E 151 -0.57 16.36 -12.94
N TYR E 152 0.42 15.60 -12.47
CA TYR E 152 0.74 14.32 -13.07
C TYR E 152 0.82 13.26 -11.98
N PHE E 153 0.69 12.00 -12.40
CA PHE E 153 0.80 10.87 -11.48
C PHE E 153 1.12 9.62 -12.28
N PRO E 154 2.05 8.77 -11.81
CA PRO E 154 2.88 9.03 -10.64
C PRO E 154 4.23 9.61 -11.05
N GLU E 155 5.20 9.54 -10.14
CA GLU E 155 6.57 9.90 -10.47
C GLU E 155 7.18 8.80 -11.34
N PRO E 156 8.22 9.13 -12.14
CA PRO E 156 8.90 10.42 -12.24
C PRO E 156 8.68 11.17 -13.54
N VAL E 157 9.10 12.43 -13.54
CA VAL E 157 9.18 13.26 -14.75
C VAL E 157 10.62 13.73 -14.90
N THR E 158 11.16 13.60 -16.11
CA THR E 158 12.46 14.14 -16.46
C THR E 158 12.29 15.30 -17.43
N VAL E 159 13.02 16.38 -17.19
CA VAL E 159 12.94 17.58 -18.00
C VAL E 159 14.32 17.90 -18.57
N SER E 160 14.37 18.18 -19.86
CA SER E 160 15.58 18.67 -20.52
C SER E 160 15.23 19.93 -21.31
N TRP E 161 16.26 20.66 -21.71
CA TRP E 161 16.09 21.93 -22.40
C TRP E 161 16.82 21.90 -23.73
N ASN E 162 16.10 22.23 -24.81
CA ASN E 162 16.65 22.26 -26.16
C ASN E 162 17.26 20.91 -26.53
N SER E 163 16.54 19.83 -26.21
CA SER E 163 16.94 18.47 -26.56
C SER E 163 18.32 18.13 -26.00
N GLY E 164 18.59 18.58 -24.77
CA GLY E 164 19.85 18.32 -24.11
C GLY E 164 21.01 19.21 -24.52
N ALA E 165 20.82 20.07 -25.53
CA ALA E 165 21.90 20.97 -25.94
C ALA E 165 22.17 22.03 -24.88
N LEU E 166 21.13 22.51 -24.22
CA LEU E 166 21.25 23.56 -23.20
C LEU E 166 21.23 22.91 -21.83
N THR E 167 22.40 22.79 -21.21
CA THR E 167 22.53 22.22 -19.88
C THR E 167 22.99 23.22 -18.83
N SER E 168 23.77 24.22 -19.22
CA SER E 168 24.31 25.17 -18.26
C SER E 168 23.20 26.09 -17.75
N GLY E 169 23.14 26.26 -16.43
CA GLY E 169 22.15 27.14 -15.85
C GLY E 169 20.74 26.60 -15.80
N VAL E 170 20.59 25.27 -15.81
CA VAL E 170 19.29 24.62 -15.69
C VAL E 170 19.12 24.13 -14.27
N HIS E 171 17.94 24.35 -13.71
CA HIS E 171 17.61 23.92 -12.35
C HIS E 171 16.23 23.29 -12.39
N THR E 172 16.17 21.96 -12.31
CA THR E 172 14.92 21.22 -12.27
C THR E 172 14.60 20.91 -10.82
N PHE E 173 13.53 21.50 -10.32
CA PHE E 173 13.21 21.38 -8.91
C PHE E 173 12.53 20.04 -8.62
N PRO E 174 12.73 19.50 -7.42
CA PRO E 174 11.98 18.30 -7.02
C PRO E 174 10.49 18.59 -6.97
N ALA E 175 9.69 17.55 -7.19
CA ALA E 175 8.26 17.72 -7.28
C ALA E 175 7.64 17.95 -5.91
N VAL E 176 6.52 18.65 -5.90
CA VAL E 176 5.68 18.81 -4.71
C VAL E 176 4.56 17.80 -4.79
N LEU E 177 4.18 17.23 -3.65
CA LEU E 177 3.02 16.36 -3.56
C LEU E 177 1.89 17.16 -2.93
N GLN E 178 0.84 17.40 -3.72
CA GLN E 178 -0.29 18.17 -3.25
C GLN E 178 -1.26 17.25 -2.51
N SER E 179 -2.20 17.88 -1.79
CA SER E 179 -3.25 17.10 -1.13
C SER E 179 -4.15 16.39 -2.12
N SER E 180 -4.24 16.90 -3.36
CA SER E 180 -4.89 16.16 -4.44
C SER E 180 -4.38 14.74 -4.55
N GLY E 181 -3.09 14.52 -4.25
CA GLY E 181 -2.42 13.29 -4.60
C GLY E 181 -1.66 13.36 -5.90
N LEU E 182 -1.67 14.51 -6.57
CA LEU E 182 -0.96 14.71 -7.83
C LEU E 182 0.33 15.45 -7.57
N TYR E 183 1.24 15.38 -8.54
CA TYR E 183 2.54 16.02 -8.44
C TYR E 183 2.62 17.22 -9.36
N SER E 184 3.43 18.20 -8.96
CA SER E 184 3.70 19.36 -9.78
C SER E 184 5.19 19.66 -9.71
N LEU E 185 5.72 20.14 -10.83
CA LEU E 185 7.15 20.26 -11.02
C LEU E 185 7.43 21.52 -11.82
N SER E 186 8.62 22.09 -11.61
CA SER E 186 9.04 23.23 -12.40
C SER E 186 10.52 23.10 -12.74
N SER E 187 10.88 23.60 -13.92
CA SER E 187 12.25 23.55 -14.43
C SER E 187 12.58 24.93 -14.99
N VAL E 188 13.56 25.60 -14.38
CA VAL E 188 13.95 26.94 -14.77
C VAL E 188 15.37 26.90 -15.34
N VAL E 189 15.61 27.71 -16.36
CA VAL E 189 16.93 27.88 -16.96
C VAL E 189 17.29 29.35 -16.90
N THR E 190 18.54 29.62 -16.55
CA THR E 190 19.07 30.98 -16.57
C THR E 190 19.75 31.21 -17.91
N VAL E 191 19.30 32.22 -18.64
CA VAL E 191 19.87 32.54 -19.95
C VAL E 191 20.11 34.04 -20.00
N PRO E 192 20.99 34.49 -20.88
CA PRO E 192 21.21 35.94 -21.00
C PRO E 192 19.97 36.63 -21.53
N SER E 193 19.59 37.72 -20.86
CA SER E 193 18.45 38.50 -21.35
C SER E 193 18.70 38.98 -22.77
N SER E 194 19.96 39.29 -23.08
CA SER E 194 20.45 39.43 -24.45
C SER E 194 19.77 38.46 -25.42
N SER E 195 19.88 37.16 -25.15
CA SER E 195 19.53 36.10 -26.09
C SER E 195 18.04 35.84 -26.24
N LEU E 196 17.17 36.62 -25.58
CA LEU E 196 15.76 36.27 -25.56
C LEU E 196 15.14 36.31 -26.96
N GLY E 197 15.66 37.16 -27.84
CA GLY E 197 15.12 37.27 -29.18
C GLY E 197 15.76 36.30 -30.16
N THR E 198 17.00 35.89 -29.88
CA THR E 198 17.77 35.11 -30.85
C THR E 198 17.42 33.63 -30.78
N GLN E 199 17.58 33.02 -29.61
CA GLN E 199 17.45 31.57 -29.47
C GLN E 199 16.03 31.18 -29.07
N THR E 200 15.57 30.04 -29.58
CA THR E 200 14.30 29.48 -29.18
C THR E 200 14.56 28.50 -28.04
N TYR E 201 13.74 28.61 -26.98
CA TYR E 201 13.91 27.78 -25.80
C TYR E 201 12.69 26.88 -25.64
N ILE E 202 12.94 25.57 -25.66
CA ILE E 202 11.89 24.56 -25.58
C ILE E 202 12.29 23.55 -24.51
N CYS E 203 11.41 23.35 -23.53
CA CYS E 203 11.66 22.37 -22.48
C CYS E 203 11.02 21.03 -22.88
N ASN E 204 11.77 19.95 -22.65
CA ASN E 204 11.34 18.61 -23.03
C ASN E 204 10.90 17.87 -21.78
N VAL E 205 9.59 17.68 -21.65
CA VAL E 205 9.01 17.01 -20.48
C VAL E 205 8.61 15.60 -20.89
N ASN E 206 9.15 14.61 -20.19
CA ASN E 206 8.86 13.21 -20.45
C ASN E 206 8.24 12.58 -19.22
N HIS E 207 7.04 12.04 -19.38
CA HIS E 207 6.34 11.30 -18.33
C HIS E 207 6.13 9.88 -18.85
N LYS E 208 7.08 9.01 -18.55
CA LYS E 208 7.00 7.63 -19.04
C LYS E 208 5.79 6.86 -18.50
N PRO E 209 5.39 6.99 -17.24
CA PRO E 209 4.22 6.21 -16.77
C PRO E 209 2.94 6.46 -17.55
N SER E 210 2.84 7.56 -18.30
CA SER E 210 1.66 7.83 -19.11
C SER E 210 1.97 7.87 -20.60
N ASN E 211 3.20 7.49 -20.99
CA ASN E 211 3.63 7.49 -22.39
C ASN E 211 3.44 8.87 -23.03
N THR E 212 3.69 9.91 -22.25
CA THR E 212 3.49 11.28 -22.69
C THR E 212 4.83 12.01 -22.76
N LYS E 213 5.00 12.79 -23.84
CA LYS E 213 6.18 13.64 -24.00
C LYS E 213 5.71 14.98 -24.54
N VAL E 214 6.00 16.05 -23.80
CA VAL E 214 5.60 17.39 -24.18
C VAL E 214 6.84 18.25 -24.36
N ASP E 215 6.95 18.89 -25.52
CA ASP E 215 8.03 19.83 -25.81
C ASP E 215 7.38 21.20 -25.97
N LYS E 216 7.39 21.99 -24.91
CA LYS E 216 6.74 23.29 -24.91
C LYS E 216 7.76 24.39 -25.17
N LYS E 217 7.40 25.33 -26.04
CA LYS E 217 8.25 26.45 -26.38
C LYS E 217 7.94 27.61 -25.44
N VAL E 218 8.97 28.17 -24.81
CA VAL E 218 8.83 29.31 -23.92
C VAL E 218 9.29 30.55 -24.67
N GLU E 219 8.35 31.46 -24.94
CA GLU E 219 8.62 32.71 -25.60
C GLU E 219 8.28 33.86 -24.66
N PRO E 220 9.00 34.98 -24.73
CA PRO E 220 8.64 36.13 -23.90
C PRO E 220 7.30 36.71 -24.33
N LYS E 221 6.59 37.27 -23.36
CA LYS E 221 5.26 37.80 -23.62
C LYS E 221 5.34 39.24 -24.15
N ALA F 2 18.68 -5.13 8.74
CA ALA F 2 17.86 -4.90 9.93
C ALA F 2 18.62 -5.26 11.20
N VAL F 3 19.45 -6.30 11.14
CA VAL F 3 20.13 -6.80 12.34
C VAL F 3 21.51 -6.20 12.53
N LEU F 4 22.01 -5.43 11.56
CA LEU F 4 23.28 -4.73 11.71
C LEU F 4 23.02 -3.33 12.25
N THR F 5 23.82 -2.92 13.24
CA THR F 5 23.58 -1.68 13.96
C THR F 5 24.49 -0.58 13.40
N GLN F 6 23.87 0.52 12.99
CA GLN F 6 24.56 1.69 12.45
C GLN F 6 24.07 2.93 13.15
N PRO F 7 24.95 3.91 13.40
CA PRO F 7 24.48 5.19 13.95
C PRO F 7 23.61 5.94 12.96
N SER F 8 22.58 6.59 13.49
CA SER F 8 21.68 7.40 12.67
C SER F 8 22.45 8.53 11.98
N SER F 9 23.35 9.18 12.70
CA SER F 9 23.93 10.44 12.32
C SER F 9 25.45 10.39 12.45
N ALA F 10 26.14 11.14 11.59
CA ALA F 10 27.54 11.44 11.81
C ALA F 10 27.83 12.82 11.23
N SER F 11 28.83 13.49 11.79
CA SER F 11 29.15 14.85 11.37
C SER F 11 30.64 15.13 11.56
N SER F 12 31.17 16.00 10.69
CA SER F 12 32.56 16.43 10.75
C SER F 12 32.70 17.69 9.89
N THR F 13 33.93 18.21 9.84
CA THR F 13 34.22 19.45 9.13
C THR F 13 35.16 19.18 7.96
N PRO F 14 35.12 20.02 6.90
CA PRO F 14 35.94 19.75 5.71
C PRO F 14 37.43 19.60 6.02
N GLY F 15 38.08 18.75 5.24
CA GLY F 15 39.50 18.47 5.41
C GLY F 15 39.83 17.51 6.52
N GLN F 16 38.89 17.22 7.42
CA GLN F 16 39.15 16.35 8.56
C GLN F 16 38.73 14.92 8.20
N ARG F 17 38.72 14.04 9.19
CA ARG F 17 38.36 12.64 8.99
C ARG F 17 37.25 12.24 9.95
N VAL F 18 36.37 11.35 9.47
CA VAL F 18 35.29 10.81 10.27
C VAL F 18 35.22 9.31 10.02
N ILE F 19 34.68 8.58 10.99
CA ILE F 19 34.60 7.13 10.95
C ILE F 19 33.17 6.69 11.25
N ILE F 20 32.57 5.94 10.34
CA ILE F 20 31.22 5.41 10.50
C ILE F 20 31.35 3.94 10.90
N SER F 21 30.75 3.59 12.04
CA SER F 21 30.93 2.27 12.62
C SER F 21 29.73 1.37 12.35
N CYS F 22 29.97 0.06 12.36
CA CYS F 22 28.93 -0.92 12.10
C CYS F 22 29.18 -2.13 12.99
N SER F 23 28.25 -2.42 13.89
CA SER F 23 28.35 -3.51 14.84
C SER F 23 27.33 -4.58 14.45
N GLY F 24 27.71 -5.85 14.57
CA GLY F 24 26.82 -6.91 14.10
C GLY F 24 26.74 -8.16 14.94
N SER F 25 26.67 -9.32 14.28
CA SER F 25 26.39 -10.59 14.92
C SER F 25 27.63 -11.49 14.89
N SER F 26 27.58 -12.56 15.68
CA SER F 26 28.47 -13.68 15.45
C SER F 26 28.23 -14.30 14.08
N SER F 27 26.96 -14.36 13.64
CA SER F 27 26.58 -15.09 12.44
C SER F 27 26.90 -14.34 11.15
N ASN F 28 26.94 -13.00 11.17
CA ASN F 28 27.20 -12.24 9.95
C ASN F 28 28.53 -11.58 10.07
N ILE F 29 28.65 -10.37 10.65
CA ILE F 29 29.91 -9.65 10.67
C ILE F 29 31.01 -10.48 11.32
N GLY F 30 30.65 -11.30 12.31
CA GLY F 30 31.66 -12.11 12.99
C GLY F 30 32.32 -13.12 12.06
N SER F 31 31.55 -13.71 11.15
CA SER F 31 32.06 -14.77 10.29
C SER F 31 32.03 -14.44 8.81
N ASN F 32 31.48 -13.30 8.41
CA ASN F 32 31.35 -12.95 7.00
C ASN F 32 31.91 -11.55 6.76
N THR F 33 32.24 -11.28 5.49
CA THR F 33 32.84 -10.01 5.12
C THR F 33 31.76 -8.94 5.01
N VAL F 34 32.15 -7.71 5.36
CA VAL F 34 31.24 -6.57 5.40
C VAL F 34 31.51 -5.67 4.21
N SER F 35 30.45 -5.11 3.63
CA SER F 35 30.55 -4.21 2.50
C SER F 35 29.97 -2.84 2.87
N TRP F 36 30.48 -1.80 2.20
CA TRP F 36 30.08 -0.43 2.46
C TRP F 36 29.59 0.21 1.18
N TYR F 37 28.49 0.97 1.28
CA TYR F 37 27.87 1.59 0.13
C TYR F 37 27.60 3.06 0.41
N GLN F 38 27.74 3.89 -0.62
CA GLN F 38 27.46 5.33 -0.55
C GLN F 38 26.26 5.65 -1.43
N GLN F 39 25.32 6.41 -0.87
CA GLN F 39 24.13 6.84 -1.60
C GLN F 39 23.95 8.34 -1.45
N VAL F 40 24.37 9.10 -2.47
CA VAL F 40 24.01 10.51 -2.55
C VAL F 40 22.54 10.57 -3.00
N PRO F 41 21.73 11.46 -2.43
CA PRO F 41 20.29 11.45 -2.74
C PRO F 41 20.02 11.62 -4.23
N GLY F 42 19.07 10.82 -4.73
CA GLY F 42 18.70 10.84 -6.12
C GLY F 42 19.40 9.83 -6.99
N ALA F 43 20.49 9.24 -6.52
CA ALA F 43 21.26 8.28 -7.30
C ALA F 43 21.21 6.91 -6.65
N ALA F 44 21.61 5.90 -7.42
CA ALA F 44 21.65 4.54 -6.94
C ALA F 44 22.80 4.37 -5.94
N PRO F 45 22.73 3.36 -5.08
CA PRO F 45 23.86 3.10 -4.18
C PRO F 45 25.10 2.72 -4.98
N LYS F 46 26.26 3.04 -4.41
CA LYS F 46 27.55 2.80 -5.07
C LYS F 46 28.48 2.12 -4.08
N LEU F 47 29.13 1.05 -4.53
CA LEU F 47 29.99 0.27 -3.66
C LEU F 47 31.29 1.01 -3.38
N LEU F 48 31.60 1.21 -2.10
CA LEU F 48 32.86 1.82 -1.68
C LEU F 48 33.88 0.79 -1.21
N ILE F 49 33.45 -0.15 -0.38
CA ILE F 49 34.35 -1.10 0.27
C ILE F 49 33.77 -2.50 0.09
N TYR F 50 34.62 -3.44 -0.30
CA TYR F 50 34.25 -4.85 -0.35
C TYR F 50 35.37 -5.68 0.25
N PHE F 51 35.00 -6.84 0.80
CA PHE F 51 35.92 -7.71 1.52
C PHE F 51 36.65 -6.94 2.61
N ASP F 52 35.86 -6.25 3.45
CA ASP F 52 36.33 -5.55 4.64
C ASP F 52 37.14 -4.29 4.35
N TYR F 53 38.15 -4.38 3.47
CA TYR F 53 39.03 -3.24 3.27
C TYR F 53 39.41 -2.97 1.82
N ARG F 54 38.93 -3.74 0.86
CA ARG F 54 39.30 -3.53 -0.53
C ARG F 54 38.40 -2.49 -1.19
N ARG F 55 39.01 -1.61 -1.98
CA ARG F 55 38.31 -0.56 -2.69
C ARG F 55 38.31 -0.86 -4.18
N PRO F 56 37.15 -0.83 -4.85
CA PRO F 56 37.14 -1.11 -6.29
C PRO F 56 37.74 0.02 -7.12
N SER F 57 37.81 -0.19 -8.43
CA SER F 57 38.46 0.78 -9.31
C SER F 57 37.62 2.06 -9.40
N GLY F 58 38.28 3.20 -9.23
CA GLY F 58 37.63 4.48 -9.29
C GLY F 58 37.16 5.01 -7.95
N VAL F 59 37.64 4.44 -6.86
CA VAL F 59 37.34 4.89 -5.51
C VAL F 59 38.63 5.45 -4.91
N PRO F 60 38.63 6.68 -4.39
CA PRO F 60 39.88 7.27 -3.94
C PRO F 60 40.44 6.53 -2.73
N ASP F 61 41.70 6.81 -2.42
CA ASP F 61 42.39 6.14 -1.33
C ASP F 61 41.91 6.62 0.04
N ARG F 62 41.23 7.77 0.11
CA ARG F 62 40.77 8.27 1.39
C ARG F 62 39.72 7.35 2.01
N PHE F 63 38.96 6.63 1.19
CA PHE F 63 37.98 5.68 1.69
C PHE F 63 38.68 4.41 2.15
N SER F 64 38.40 3.98 3.37
CA SER F 64 39.02 2.79 3.91
C SER F 64 38.04 2.09 4.84
N GLY F 65 38.25 0.80 5.02
CA GLY F 65 37.39 0.01 5.89
C GLY F 65 38.20 -1.01 6.67
N THR F 66 37.70 -1.35 7.84
CA THR F 66 38.32 -2.38 8.68
C THR F 66 37.23 -3.28 9.25
N ARG F 67 37.62 -4.51 9.57
CA ARG F 67 36.77 -5.44 10.28
C ARG F 67 37.55 -6.05 11.43
N SER F 68 36.94 -6.10 12.61
CA SER F 68 37.59 -6.67 13.79
C SER F 68 36.51 -7.25 14.68
N GLY F 69 36.54 -8.56 14.85
CA GLY F 69 35.56 -9.22 15.72
C GLY F 69 34.16 -9.07 15.16
N THR F 70 33.30 -8.41 15.93
CA THR F 70 31.89 -8.22 15.60
C THR F 70 31.61 -6.83 15.05
N SER F 71 32.64 -6.04 14.79
CA SER F 71 32.47 -4.64 14.39
C SER F 71 33.19 -4.36 13.08
N ALA F 72 32.64 -3.42 12.32
CA ALA F 72 33.24 -2.92 11.09
C ALA F 72 33.19 -1.41 11.09
N SER F 73 34.18 -0.79 10.45
CA SER F 73 34.29 0.67 10.44
C SER F 73 34.68 1.15 9.05
N LEU F 74 34.18 2.33 8.69
CA LEU F 74 34.49 2.98 7.42
C LEU F 74 35.11 4.33 7.70
N GLY F 75 36.23 4.62 7.06
CA GLY F 75 37.00 5.82 7.32
C GLY F 75 37.01 6.76 6.09
N ILE F 76 36.69 8.02 6.36
CA ILE F 76 36.65 9.06 5.33
C ILE F 76 37.76 10.06 5.63
N SER F 77 38.84 10.02 4.84
CA SER F 77 39.89 11.00 4.97
C SER F 77 39.54 12.25 4.18
N GLY F 78 40.08 13.40 4.62
CA GLY F 78 40.02 14.63 3.85
C GLY F 78 38.63 14.99 3.40
N LEU F 79 37.71 15.11 4.36
CA LEU F 79 36.30 15.25 4.03
C LEU F 79 36.03 16.47 3.16
N GLN F 80 35.17 16.28 2.16
CA GLN F 80 34.77 17.33 1.23
C GLN F 80 33.25 17.44 1.24
N SER F 81 32.75 18.51 0.61
CA SER F 81 31.32 18.78 0.62
C SER F 81 30.55 17.79 -0.24
N GLU F 82 31.18 17.24 -1.28
CA GLU F 82 30.55 16.24 -2.13
C GLU F 82 30.34 14.91 -1.44
N ASP F 83 30.89 14.71 -0.24
CA ASP F 83 30.82 13.44 0.46
C ASP F 83 29.60 13.33 1.38
N GLU F 84 28.69 14.30 1.35
CA GLU F 84 27.45 14.18 2.11
C GLU F 84 26.54 13.15 1.44
N ALA F 85 26.24 12.07 2.16
CA ALA F 85 25.44 10.97 1.61
C ALA F 85 25.03 10.06 2.75
N ASP F 86 24.26 9.03 2.40
CA ASP F 86 23.88 7.97 3.33
C ASP F 86 24.82 6.80 3.13
N TYR F 87 25.32 6.25 4.25
CA TYR F 87 26.31 5.19 4.21
C TYR F 87 25.74 3.93 4.87
N TYR F 88 25.77 2.82 4.13
CA TYR F 88 25.21 1.56 4.58
C TYR F 88 26.31 0.51 4.67
N CYS F 89 26.28 -0.28 5.74
CA CYS F 89 27.09 -1.48 5.84
C CYS F 89 26.22 -2.69 5.53
N ALA F 90 26.84 -3.71 4.93
CA ALA F 90 26.12 -4.91 4.55
C ALA F 90 27.01 -6.13 4.79
N ALA F 91 26.36 -7.24 5.12
CA ALA F 91 27.07 -8.50 5.34
C ALA F 91 26.07 -9.64 5.16
N TRP F 92 26.59 -10.83 4.92
CA TRP F 92 25.76 -12.02 4.81
C TRP F 92 25.52 -12.62 6.18
N ASP F 93 24.28 -13.00 6.46
CA ASP F 93 23.88 -13.57 7.74
C ASP F 93 23.65 -15.07 7.56
N ASP F 94 24.45 -15.88 8.25
CA ASP F 94 24.32 -17.33 8.13
C ASP F 94 23.07 -17.84 8.84
N SER F 95 22.78 -17.31 10.02
CA SER F 95 21.64 -17.80 10.79
C SER F 95 20.31 -17.57 10.08
N LEU F 96 20.12 -16.39 9.50
CA LEU F 96 18.89 -16.06 8.79
C LEU F 96 18.91 -16.39 7.30
N SER F 97 20.05 -16.84 6.77
CA SER F 97 20.19 -17.19 5.36
C SER F 97 19.89 -15.99 4.45
N ALA F 98 20.39 -14.81 4.84
CA ALA F 98 20.00 -13.61 4.13
C ALA F 98 21.14 -12.60 4.09
N TRP F 99 21.03 -11.67 3.14
CA TRP F 99 21.91 -10.52 3.01
C TRP F 99 21.28 -9.37 3.78
N VAL F 100 21.99 -8.82 4.75
CA VAL F 100 21.42 -7.88 5.71
C VAL F 100 22.13 -6.54 5.60
N PHE F 101 21.35 -5.46 5.68
CA PHE F 101 21.84 -4.10 5.60
C PHE F 101 21.76 -3.43 6.96
N GLY F 102 22.58 -2.40 7.13
CA GLY F 102 22.41 -1.51 8.26
C GLY F 102 21.30 -0.50 8.01
N ARG F 103 20.84 0.13 9.10
CA ARG F 103 19.77 1.12 8.98
C ARG F 103 20.19 2.32 8.15
N GLY F 104 21.48 2.57 8.02
CA GLY F 104 22.00 3.68 7.25
C GLY F 104 22.52 4.78 8.16
N THR F 105 23.57 5.46 7.68
CA THR F 105 24.20 6.55 8.42
C THR F 105 24.23 7.80 7.55
N LYS F 106 23.46 8.80 7.94
CA LYS F 106 23.49 10.09 7.26
C LYS F 106 24.65 10.92 7.79
N LEU F 107 25.56 11.31 6.91
CA LEU F 107 26.75 12.07 7.28
C LEU F 107 26.58 13.52 6.82
N THR F 108 26.83 14.46 7.72
CA THR F 108 26.70 15.88 7.43
C THR F 108 28.05 16.55 7.55
N VAL F 109 28.39 17.37 6.56
CA VAL F 109 29.60 18.18 6.60
C VAL F 109 29.25 19.52 7.25
N LEU F 110 29.67 19.69 8.49
CA LEU F 110 29.26 20.84 9.28
C LEU F 110 30.23 22.00 9.08
N GLY F 111 29.85 23.17 9.58
CA GLY F 111 30.65 24.36 9.37
C GLY F 111 30.74 24.78 7.92
N GLN F 112 29.63 24.69 7.19
CA GLN F 112 29.60 25.06 5.78
C GLN F 112 29.26 26.54 5.64
N PRO F 113 29.74 27.21 4.60
CA PRO F 113 29.42 28.63 4.42
C PRO F 113 27.93 28.86 4.26
N LYS F 114 27.39 29.76 5.08
CA LYS F 114 25.98 30.11 5.02
C LYS F 114 25.70 30.92 3.76
N ALA F 115 24.50 30.75 3.22
CA ALA F 115 24.11 31.46 2.00
C ALA F 115 22.64 31.85 2.09
N ALA F 116 22.30 32.99 1.43
CA ALA F 116 20.95 33.52 1.40
C ALA F 116 20.19 33.02 0.16
N PRO F 117 18.89 32.80 0.30
CA PRO F 117 18.14 32.20 -0.81
C PRO F 117 17.99 33.13 -2.00
N SER F 118 18.13 32.55 -3.19
CA SER F 118 17.72 33.20 -4.44
C SER F 118 16.28 32.82 -4.74
N VAL F 119 15.41 33.81 -4.90
CA VAL F 119 13.97 33.59 -5.02
C VAL F 119 13.51 34.10 -6.38
N THR F 120 12.74 33.27 -7.09
CA THR F 120 12.15 33.62 -8.38
C THR F 120 10.65 33.38 -8.30
N LEU F 121 9.86 34.42 -8.56
CA LEU F 121 8.41 34.33 -8.51
C LEU F 121 7.84 34.50 -9.91
N PHE F 122 7.06 33.52 -10.35
CA PHE F 122 6.44 33.55 -11.67
C PHE F 122 4.94 33.73 -11.55
N PRO F 123 4.35 34.64 -12.32
CA PRO F 123 2.89 34.78 -12.33
C PRO F 123 2.24 33.63 -13.08
N PRO F 124 0.92 33.51 -13.05
CA PRO F 124 0.26 32.45 -13.81
C PRO F 124 0.49 32.60 -15.31
N SER F 125 0.78 31.47 -15.96
CA SER F 125 0.83 31.43 -17.41
C SER F 125 -0.43 32.03 -18.01
N SER F 126 -0.27 32.69 -19.16
CA SER F 126 -1.45 33.15 -19.88
C SER F 126 -2.23 31.98 -20.47
N GLU F 127 -1.54 30.89 -20.81
CA GLU F 127 -2.23 29.68 -21.27
C GLU F 127 -3.00 29.02 -20.13
N GLU F 128 -2.42 28.99 -18.94
CA GLU F 128 -3.13 28.42 -17.79
C GLU F 128 -4.38 29.22 -17.46
N LEU F 129 -4.32 30.54 -17.67
CA LEU F 129 -5.51 31.37 -17.45
C LEU F 129 -6.61 31.05 -18.47
N GLN F 130 -6.24 30.72 -19.71
CA GLN F 130 -7.25 30.29 -20.67
C GLN F 130 -7.79 28.91 -20.36
N ALA F 131 -7.10 28.14 -19.51
CA ALA F 131 -7.64 26.91 -18.97
C ALA F 131 -8.36 27.13 -17.65
N ASN F 132 -8.71 28.38 -17.35
CA ASN F 132 -9.42 28.76 -16.12
C ASN F 132 -8.74 28.18 -14.89
N LYS F 133 -7.43 28.39 -14.80
CA LYS F 133 -6.66 28.08 -13.61
C LYS F 133 -5.52 29.09 -13.49
N ALA F 134 -5.02 29.24 -12.27
CA ALA F 134 -3.94 30.17 -12.00
C ALA F 134 -3.02 29.58 -10.94
N THR F 135 -1.73 29.54 -11.23
CA THR F 135 -0.73 29.02 -10.30
C THR F 135 0.44 29.98 -10.23
N LEU F 136 0.78 30.39 -9.02
CA LEU F 136 1.98 31.20 -8.78
C LEU F 136 3.11 30.26 -8.35
N VAL F 137 4.26 30.40 -8.99
CA VAL F 137 5.39 29.51 -8.76
C VAL F 137 6.51 30.31 -8.11
N CYS F 138 6.87 29.93 -6.89
CA CYS F 138 7.98 30.56 -6.17
C CYS F 138 9.10 29.54 -6.03
N LEU F 139 10.25 29.85 -6.64
CA LEU F 139 11.38 28.93 -6.70
C LEU F 139 12.53 29.48 -5.88
N ILE F 140 12.97 28.69 -4.89
CA ILE F 140 13.96 29.11 -3.91
C ILE F 140 15.19 28.23 -4.09
N SER F 141 16.34 28.86 -4.30
CA SER F 141 17.57 28.13 -4.61
C SER F 141 18.74 28.74 -3.88
N ASP F 142 19.82 27.95 -3.78
CA ASP F 142 21.14 28.42 -3.33
C ASP F 142 21.10 28.99 -1.91
N PHE F 143 20.57 28.21 -0.98
CA PHE F 143 20.59 28.60 0.43
C PHE F 143 21.14 27.46 1.28
N TYR F 144 21.82 27.83 2.36
CA TYR F 144 22.34 26.92 3.37
C TYR F 144 22.28 27.67 4.69
N PRO F 145 21.82 27.04 5.78
CA PRO F 145 21.36 25.65 5.93
C PRO F 145 20.03 25.34 5.24
N GLY F 146 19.55 24.11 5.41
CA GLY F 146 18.42 23.63 4.62
C GLY F 146 17.08 24.24 4.99
N ALA F 147 16.89 24.58 6.26
CA ALA F 147 15.58 25.02 6.72
C ALA F 147 15.17 26.34 6.08
N VAL F 148 13.91 26.40 5.64
CA VAL F 148 13.35 27.60 5.03
C VAL F 148 11.86 27.65 5.32
N THR F 149 11.30 28.86 5.34
CA THR F 149 9.89 29.09 5.61
C THR F 149 9.30 29.99 4.54
N VAL F 150 8.15 29.61 4.00
CA VAL F 150 7.52 30.31 2.89
C VAL F 150 6.14 30.80 3.33
N ALA F 151 5.89 32.09 3.13
CA ALA F 151 4.58 32.69 3.35
C ALA F 151 4.13 33.40 2.09
N TRP F 152 2.82 33.44 1.88
CA TRP F 152 2.23 34.05 0.69
C TRP F 152 1.35 35.22 1.10
N LYS F 153 1.23 36.20 0.20
CA LYS F 153 0.45 37.40 0.46
C LYS F 153 -0.37 37.77 -0.75
N ALA F 154 -1.65 38.06 -0.53
CA ALA F 154 -2.51 38.67 -1.54
C ALA F 154 -2.60 40.15 -1.18
N ASP F 155 -2.08 41.00 -2.06
CA ASP F 155 -1.82 42.40 -1.72
C ASP F 155 -0.93 42.44 -0.49
N SER F 156 -1.51 42.69 0.69
CA SER F 156 -0.78 42.57 1.96
C SER F 156 -1.49 41.68 2.96
N SER F 157 -2.58 41.02 2.57
CA SER F 157 -3.27 40.10 3.45
C SER F 157 -2.71 38.69 3.28
N PRO F 158 -2.38 37.99 4.37
CA PRO F 158 -1.75 36.67 4.23
C PRO F 158 -2.70 35.64 3.63
N VAL F 159 -2.12 34.69 2.91
CA VAL F 159 -2.84 33.61 2.27
C VAL F 159 -2.37 32.29 2.87
N LYS F 160 -3.31 31.47 3.33
CA LYS F 160 -3.01 30.12 3.77
C LYS F 160 -3.69 29.04 2.93
N ALA F 161 -4.70 29.39 2.14
CA ALA F 161 -5.42 28.42 1.33
C ALA F 161 -4.78 28.31 -0.05
N GLY F 162 -4.58 27.07 -0.50
CA GLY F 162 -4.03 26.84 -1.82
C GLY F 162 -2.51 26.91 -1.91
N VAL F 163 -1.80 26.70 -0.81
CA VAL F 163 -0.35 26.80 -0.77
C VAL F 163 0.24 25.40 -0.66
N GLU F 164 1.23 25.11 -1.50
CA GLU F 164 1.95 23.85 -1.48
C GLU F 164 3.44 24.14 -1.55
N THR F 165 4.20 23.61 -0.58
CA THR F 165 5.63 23.88 -0.47
C THR F 165 6.38 22.58 -0.34
N THR F 166 7.44 22.42 -1.13
CA THR F 166 8.27 21.22 -1.05
C THR F 166 9.14 21.26 0.20
N THR F 167 9.80 20.14 0.46
CA THR F 167 10.87 20.13 1.44
C THR F 167 12.20 20.40 0.75
N PRO F 168 13.11 21.12 1.42
CA PRO F 168 14.39 21.47 0.79
C PRO F 168 15.16 20.26 0.30
N SER F 169 15.86 20.45 -0.81
CA SER F 169 16.62 19.39 -1.47
C SER F 169 18.00 19.92 -1.83
N LYS F 170 19.03 19.14 -1.54
CA LYS F 170 20.39 19.54 -1.88
C LYS F 170 20.60 19.48 -3.39
N GLN F 171 21.38 20.44 -3.91
CA GLN F 171 21.67 20.54 -5.32
C GLN F 171 23.08 20.03 -5.62
N SER F 172 23.55 20.29 -6.84
CA SER F 172 24.89 19.85 -7.23
C SER F 172 25.97 20.59 -6.46
N ASN F 173 25.75 21.88 -6.16
CA ASN F 173 26.71 22.69 -5.43
C ASN F 173 26.60 22.54 -3.92
N ASN F 174 25.94 21.49 -3.44
CA ASN F 174 25.79 21.16 -2.02
C ASN F 174 25.00 22.21 -1.25
N LYS F 175 24.30 23.10 -1.95
CA LYS F 175 23.35 24.00 -1.34
C LYS F 175 21.92 23.49 -1.56
N TYR F 176 20.97 24.14 -0.92
CA TYR F 176 19.60 23.65 -0.86
C TYR F 176 18.69 24.44 -1.79
N ALA F 177 17.62 23.78 -2.24
CA ALA F 177 16.63 24.38 -3.11
C ALA F 177 15.24 23.91 -2.69
N ALA F 178 14.25 24.77 -2.93
CA ALA F 178 12.87 24.43 -2.60
C ALA F 178 11.95 25.25 -3.49
N SER F 179 10.69 24.81 -3.57
CA SER F 179 9.68 25.50 -4.35
C SER F 179 8.36 25.49 -3.60
N SER F 180 7.56 26.53 -3.81
CA SER F 180 6.23 26.57 -3.23
C SER F 180 5.27 27.12 -4.27
N TYR F 181 4.01 26.71 -4.17
CA TYR F 181 3.00 26.99 -5.18
C TYR F 181 1.76 27.54 -4.51
N LEU F 182 1.14 28.51 -5.17
CA LEU F 182 -0.16 29.06 -4.74
C LEU F 182 -1.09 28.99 -5.94
N SER F 183 -2.15 28.19 -5.81
CA SER F 183 -3.13 28.00 -6.89
C SER F 183 -4.43 28.71 -6.53
N LEU F 184 -4.90 29.59 -7.41
CA LEU F 184 -6.20 30.20 -7.24
C LEU F 184 -6.83 30.39 -8.61
N THR F 185 -7.88 31.15 -8.63
CA THR F 185 -8.70 31.33 -9.80
C THR F 185 -8.30 32.57 -10.60
N PRO F 186 -8.52 32.50 -11.92
CA PRO F 186 -8.24 33.67 -12.78
C PRO F 186 -8.94 34.93 -12.34
N GLU F 187 -10.14 34.82 -11.76
CA GLU F 187 -10.81 35.99 -11.21
C GLU F 187 -10.02 36.57 -10.03
N GLN F 188 -9.57 35.70 -9.11
CA GLN F 188 -8.78 36.15 -7.97
C GLN F 188 -7.47 36.80 -8.43
N TRP F 189 -6.83 36.23 -9.45
CA TRP F 189 -5.55 36.76 -9.90
C TRP F 189 -5.69 38.18 -10.45
N LYS F 190 -6.68 38.40 -11.32
CA LYS F 190 -6.87 39.73 -11.91
C LYS F 190 -7.53 40.72 -10.95
N SER F 191 -8.25 40.23 -9.94
CA SER F 191 -8.93 41.14 -9.01
C SER F 191 -7.91 41.94 -8.19
N HIS F 192 -6.96 41.25 -7.59
CA HIS F 192 -6.04 41.90 -6.65
C HIS F 192 -4.99 42.70 -7.40
N ARG F 193 -4.33 43.59 -6.66
CA ARG F 193 -3.27 44.40 -7.24
C ARG F 193 -1.95 43.64 -7.36
N SER F 194 -1.67 42.74 -6.41
CA SER F 194 -0.41 42.01 -6.44
C SER F 194 -0.50 40.76 -5.60
N TYR F 195 0.49 39.88 -5.77
CA TYR F 195 0.69 38.69 -4.96
C TYR F 195 2.18 38.59 -4.65
N SER F 196 2.50 38.03 -3.48
CA SER F 196 3.89 38.02 -3.03
C SER F 196 4.27 36.68 -2.43
N CYS F 197 5.53 36.30 -2.63
CA CYS F 197 6.12 35.10 -2.03
C CYS F 197 7.17 35.50 -1.01
N GLN F 198 6.93 35.16 0.26
CA GLN F 198 7.82 35.50 1.36
C GLN F 198 8.67 34.29 1.73
N VAL F 199 9.98 34.40 1.55
CA VAL F 199 10.92 33.33 1.86
C VAL F 199 11.77 33.80 3.04
N THR F 200 11.66 33.11 4.17
CA THR F 200 12.35 33.47 5.39
C THR F 200 13.43 32.44 5.68
N HIS F 201 14.66 32.92 5.90
CA HIS F 201 15.81 32.05 6.12
C HIS F 201 16.68 32.67 7.21
N GLU F 202 16.78 31.98 8.35
CA GLU F 202 17.60 32.40 9.48
C GLU F 202 17.28 33.83 9.91
N GLY F 203 15.98 34.11 10.05
CA GLY F 203 15.53 35.39 10.55
C GLY F 203 15.43 36.50 9.54
N SER F 204 15.89 36.30 8.30
CA SER F 204 15.81 37.32 7.27
C SER F 204 14.90 36.85 6.14
N THR F 205 14.27 37.82 5.50
CA THR F 205 13.20 37.57 4.53
C THR F 205 13.54 38.19 3.19
N VAL F 206 13.27 37.45 2.13
CA VAL F 206 13.28 38.00 0.78
C VAL F 206 11.88 37.76 0.25
N GLU F 207 11.05 38.81 0.04
CA GLU F 207 9.79 38.49 -0.64
C GLU F 207 9.83 39.13 -2.03
N LYS F 208 9.34 38.36 -3.00
CA LYS F 208 9.07 38.81 -4.36
C LYS F 208 7.58 38.98 -4.59
N THR F 209 7.23 39.87 -5.50
CA THR F 209 5.85 40.24 -5.78
C THR F 209 5.58 40.27 -7.28
N VAL F 210 4.37 39.84 -7.67
CA VAL F 210 3.95 39.78 -9.06
C VAL F 210 2.61 40.50 -9.21
N ALA F 211 2.41 41.09 -10.39
CA ALA F 211 1.20 41.84 -10.71
C ALA F 211 0.66 41.41 -12.06
N PRO F 212 -0.68 41.29 -12.19
CA PRO F 212 -1.33 40.92 -13.46
C PRO F 212 -1.04 41.90 -14.59
C1 NAG G . -7.38 -44.79 3.49
C2 NAG G . -6.41 -45.91 3.88
C3 NAG G . -5.26 -45.99 2.90
C4 NAG G . -5.79 -46.46 1.55
C5 NAG G . -6.90 -45.55 1.02
C6 NAG G . -7.86 -46.28 0.10
C7 NAG G . -5.27 -44.87 5.90
C8 NAG G . -4.90 -43.63 5.12
N2 NAG G . -5.96 -45.85 5.26
O3 NAG G . -4.28 -46.89 3.38
O4 NAG G . -4.73 -46.51 0.61
O5 NAG G . -7.71 -44.89 2.01
O6 NAG G . -8.68 -45.37 -0.61
O7 NAG G . -4.96 -44.98 7.09
C1 NAG H . 57.72 -22.81 26.31
C2 NAG H . 57.97 -24.20 26.90
C3 NAG H . 57.04 -24.43 28.07
C4 NAG H . 57.41 -23.50 29.22
C5 NAG H . 57.35 -22.03 28.80
C6 NAG H . 58.26 -21.14 29.61
C7 NAG H . 58.73 -25.76 25.13
C8 NAG H . 60.11 -25.19 25.30
N2 NAG H . 57.77 -25.24 25.91
O3 NAG H . 57.13 -25.78 28.51
O4 NAG H . 56.53 -23.70 30.31
O5 NAG H . 57.66 -21.78 27.40
O6 NAG H . 57.70 -20.84 30.87
O7 NAG H . 58.49 -26.63 24.31
#